data_8B9F
#
_entry.id   8B9F
#
_cell.length_a   1.00
_cell.length_b   1.00
_cell.length_c   1.00
_cell.angle_alpha   90.00
_cell.angle_beta   90.00
_cell.angle_gamma   90.00
#
_symmetry.space_group_name_H-M   'P 1'
#
loop_
_entity.id
_entity.type
_entity.pdbx_description
1 polymer 'Complement decay-accelerating factor'
2 polymer 'Genome polyprotein'
3 polymer 'Genome polyprotein'
4 polymer 'Genome polyprotein'
5 non-polymer SPHINGOSINE
#
loop_
_entity_poly.entity_id
_entity_poly.type
_entity_poly.pdbx_seq_one_letter_code
_entity_poly.pdbx_strand_id
1 'polypeptide(L)'
;(MSE)GCVAETGDCGLPPDVPNAQPALEGRTSFPEDTVITYKCEESFVKIPGEKDSVICLKGSQWSDIEEFCNRSCEVPT
RLNSASLKQPYITQNYFPVGTVVEYECRPGYRREPSLSPKLTCLQNLKWSTAVEFCKKKSCPNPGEIRNGQIDVPGGILF
GATISFSCNTGYKLFGSTSSFCLISGSSVQWSDPLPECREIYCPAPPQIDNGIIQGERDHYGYRQSVTYACNKGFT
(MSE)IGEHSIYCTVNNDEGEWSGPPPECRGGTKHHHHHH
;
E
2 'polypeptide(L)'
;SPSAEECGYSDRVRSITLGNSTITTQECANVVVAYGRWPEYLSDKEATAEDQPTQPDVATCRFYTLESVTWEKDSPGWWW
KFPDALKDMGLFGQNMYYHYLGRAGYTIHVQCNASKFHQGCLLVVCVPEAEMGCSDVGGTVNEHAISEGEIAKKFSATAT
NGAHTVQSIVTNAGMGVGVGNLTIYPHQWVNLRTNNSATIVMPYINSVPMDNMFRHHNFTLMIIPFVSLDYSSDASTYVP
ITVTVAPMCAEYNGLRLATSLQ
;
B
3 'polypeptide(L)'
;GLPVMNTPGSNQFLTSDDFQSPSAMPQFDVTPELDIPGEVKNLMEIAEVDSVVPVNNVVGKLDTMDIFRIPVQSGNHQST
QVFGFQVQPGLDSVFKHTLLGEILNYYAHWSGSVKLTFVFCGSAMATGKFLLAYSPPGANAPKTRKDAMLGTHVIWDVGL
QSSCVLCIPWISQTHYRLVHQDEYTSAGNVTCWYQTGIVVPAGTPTLCSIMCFVSACNDFSVRLLKDTPFIEQSALLQ
;
C
4 'polypeptide(L)'
;GDVVEAIEGAVARVADTISSGPTNSQAVPALTAVETGHTSQVVPGDTMQTRHVKNYHSRSESTIENFLSRSACVYMGEYY
TTNTDETKRFASWTINARRMVQMRRKLEMFTYVRFDVEVTFVITSKQDQGTQLGQDMPPLTHQIMYIPPGGPIPKSTTDY
AWQTSTNPSIFWTEGNAPPRMSIPFVSIGNAYSNFYDGWSHFSQNGVYGYNTLNNMGQLYMRHVNGPSPLPMTSIVRVYF
KPKHVKAWVPRPPRLCQYKNASTVNFSSTNITDKRDSITHVPDTVKP
;
A
#
loop_
_chem_comp.id
_chem_comp.type
_chem_comp.name
_chem_comp.formula
SPH non-polymer SPHINGOSINE 'C18 H37 N O2'
#
# COMPACT_ATOMS: atom_id res chain seq x y z
N ASP A 9 -42.08 -18.32 -78.46
CA ASP A 9 -41.78 -18.53 -77.04
C ASP A 9 -40.59 -19.46 -76.90
N CYS A 10 -39.63 -19.06 -76.07
CA CYS A 10 -38.52 -19.94 -75.72
C CYS A 10 -38.92 -20.88 -74.58
N GLY A 11 -38.22 -22.01 -74.52
CA GLY A 11 -38.31 -22.91 -73.38
C GLY A 11 -37.39 -22.48 -72.26
N LEU A 12 -36.98 -23.45 -71.46
CA LEU A 12 -36.16 -23.16 -70.28
C LEU A 12 -34.85 -22.50 -70.69
N PRO A 13 -34.39 -21.49 -69.97
CA PRO A 13 -33.12 -20.84 -70.28
C PRO A 13 -31.95 -21.79 -70.06
N PRO A 14 -30.77 -21.49 -70.60
CA PRO A 14 -29.66 -22.43 -70.48
C PRO A 14 -29.18 -22.57 -69.03
N ASP A 15 -28.70 -23.78 -68.72
CA ASP A 15 -28.07 -24.02 -67.43
C ASP A 15 -26.73 -23.32 -67.37
N VAL A 16 -26.48 -22.60 -66.29
CA VAL A 16 -25.21 -21.91 -66.06
C VAL A 16 -24.61 -22.47 -64.78
N PRO A 17 -23.37 -22.96 -64.82
CA PRO A 17 -22.76 -23.55 -63.62
C PRO A 17 -22.67 -22.52 -62.49
N ASN A 18 -23.11 -22.93 -61.30
CA ASN A 18 -23.02 -22.13 -60.08
C ASN A 18 -23.85 -20.85 -60.17
N ALA A 19 -24.88 -20.85 -61.00
CA ALA A 19 -25.82 -19.74 -61.09
C ALA A 19 -27.22 -20.29 -61.27
N GLN A 20 -28.21 -19.52 -60.82
CA GLN A 20 -29.60 -19.92 -60.91
C GLN A 20 -30.40 -18.80 -61.57
N PRO A 21 -31.20 -19.09 -62.59
CA PRO A 21 -32.02 -18.06 -63.22
C PRO A 21 -33.31 -17.81 -62.45
N ALA A 22 -33.75 -16.55 -62.49
CA ALA A 22 -35.03 -16.16 -61.93
C ALA A 22 -36.10 -16.40 -63.01
N LEU A 23 -36.89 -17.46 -62.84
CA LEU A 23 -37.94 -17.78 -63.78
C LEU A 23 -39.28 -17.18 -63.40
N GLU A 24 -39.46 -16.84 -62.13
CA GLU A 24 -40.68 -16.21 -61.62
C GLU A 24 -41.90 -17.08 -61.90
N GLY A 25 -41.74 -18.39 -61.72
CA GLY A 25 -42.86 -19.31 -61.69
C GLY A 25 -43.42 -19.75 -63.01
N ARG A 26 -42.75 -19.47 -64.12
CA ARG A 26 -43.23 -19.92 -65.42
C ARG A 26 -42.13 -20.66 -66.16
N THR A 27 -42.53 -21.35 -67.24
CA THR A 27 -41.66 -22.26 -67.97
C THR A 27 -41.64 -22.00 -69.46
N SER A 28 -42.46 -21.08 -69.96
CA SER A 28 -42.47 -20.65 -71.35
C SER A 28 -42.35 -19.14 -71.37
N PHE A 29 -41.46 -18.63 -72.22
CA PHE A 29 -41.06 -17.23 -72.14
C PHE A 29 -41.26 -16.57 -73.50
N PRO A 30 -42.04 -15.50 -73.58
CA PRO A 30 -42.26 -14.82 -74.87
C PRO A 30 -40.96 -14.22 -75.39
N GLU A 31 -40.93 -14.01 -76.69
CA GLU A 31 -39.76 -13.41 -77.32
C GLU A 31 -39.41 -12.09 -76.67
N ASP A 32 -38.10 -11.81 -76.60
CA ASP A 32 -37.48 -10.64 -75.97
C ASP A 32 -37.46 -10.73 -74.46
N THR A 33 -37.92 -11.83 -73.86
CA THR A 33 -37.80 -12.00 -72.42
C THR A 33 -36.34 -11.99 -72.01
N VAL A 34 -36.02 -11.25 -70.95
CA VAL A 34 -34.68 -11.20 -70.38
C VAL A 34 -34.72 -11.90 -69.02
N ILE A 35 -33.94 -12.97 -68.88
CA ILE A 35 -33.85 -13.71 -67.62
C ILE A 35 -32.47 -13.47 -67.03
N THR A 36 -32.43 -13.10 -65.75
CA THR A 36 -31.19 -12.82 -65.05
C THR A 36 -30.83 -13.99 -64.15
N TYR A 37 -29.54 -14.28 -64.05
CA TYR A 37 -29.02 -15.32 -63.16
C TYR A 37 -28.36 -14.69 -61.95
N LYS A 38 -28.47 -15.37 -60.80
CA LYS A 38 -27.78 -15.00 -59.59
C LYS A 38 -26.88 -16.14 -59.14
N CYS A 39 -25.67 -15.79 -58.71
CA CYS A 39 -24.71 -16.81 -58.29
C CYS A 39 -25.19 -17.54 -57.04
N GLU A 40 -24.82 -18.82 -56.96
CA GLU A 40 -25.23 -19.65 -55.85
C GLU A 40 -24.36 -19.35 -54.63
N GLU A 41 -24.67 -20.01 -53.51
CA GLU A 41 -23.96 -19.76 -52.26
C GLU A 41 -22.48 -20.06 -52.42
N SER A 42 -21.65 -19.26 -51.75
CA SER A 42 -20.20 -19.34 -51.80
C SER A 42 -19.63 -18.99 -53.17
N PHE A 43 -20.37 -18.19 -53.95
CA PHE A 43 -19.93 -17.73 -55.26
C PHE A 43 -20.23 -16.25 -55.40
N VAL A 44 -19.34 -15.54 -56.10
CA VAL A 44 -19.49 -14.10 -56.35
C VAL A 44 -19.44 -13.86 -57.85
N LYS A 45 -20.32 -12.99 -58.34
CA LYS A 45 -20.34 -12.67 -59.76
C LYS A 45 -19.08 -11.91 -60.15
N ILE A 46 -18.60 -12.16 -61.35
CA ILE A 46 -17.35 -11.57 -61.84
C ILE A 46 -17.67 -10.22 -62.47
N PRO A 47 -17.19 -9.11 -61.92
CA PRO A 47 -17.46 -7.80 -62.52
C PRO A 47 -17.08 -7.76 -63.98
N GLY A 48 -17.90 -7.06 -64.78
CA GLY A 48 -17.65 -6.94 -66.19
C GLY A 48 -18.17 -8.09 -67.04
N GLU A 49 -19.13 -8.86 -66.55
CA GLU A 49 -19.64 -10.01 -67.28
C GLU A 49 -21.17 -9.99 -67.31
N LYS A 50 -21.71 -10.58 -68.37
CA LYS A 50 -23.15 -10.70 -68.51
C LYS A 50 -23.71 -11.66 -67.46
N ASP A 51 -24.90 -11.34 -66.95
CA ASP A 51 -25.58 -12.24 -66.02
C ASP A 51 -26.99 -12.57 -66.49
N SER A 52 -27.27 -12.43 -67.79
CA SER A 52 -28.63 -12.58 -68.26
C SER A 52 -28.65 -13.07 -69.71
N VAL A 53 -29.77 -13.69 -70.08
CA VAL A 53 -30.01 -14.16 -71.43
C VAL A 53 -31.26 -13.48 -71.97
N ILE A 54 -31.50 -13.63 -73.26
CA ILE A 54 -32.66 -13.03 -73.91
C ILE A 54 -33.20 -14.00 -74.96
N CYS A 55 -34.52 -14.12 -75.03
CA CYS A 55 -35.18 -15.04 -75.96
C CYS A 55 -35.21 -14.39 -77.33
N LEU A 56 -34.42 -14.92 -78.26
CA LEU A 56 -34.33 -14.37 -79.61
C LEU A 56 -35.41 -14.96 -80.50
N LYS A 57 -35.45 -14.47 -81.74
CA LYS A 57 -36.31 -15.05 -82.76
C LYS A 57 -35.98 -16.53 -82.91
N GLY A 58 -36.97 -17.30 -83.37
CA GLY A 58 -36.76 -18.72 -83.56
C GLY A 58 -36.76 -19.54 -82.28
N SER A 59 -37.33 -19.00 -81.20
CA SER A 59 -37.43 -19.67 -79.91
C SER A 59 -36.05 -20.17 -79.45
N GLN A 60 -35.11 -19.24 -79.37
CA GLN A 60 -33.74 -19.57 -79.02
C GLN A 60 -33.20 -18.52 -78.06
N TRP A 61 -32.48 -18.97 -77.03
CA TRP A 61 -31.85 -18.07 -76.07
C TRP A 61 -30.47 -17.66 -76.54
N SER A 62 -30.06 -16.45 -76.15
CA SER A 62 -28.70 -16.01 -76.36
C SER A 62 -27.75 -16.76 -75.44
N ASP A 63 -26.48 -16.84 -75.85
CA ASP A 63 -25.49 -17.58 -75.07
C ASP A 63 -25.03 -16.76 -73.86
N ILE A 64 -24.68 -17.48 -72.80
CA ILE A 64 -24.14 -16.90 -71.58
C ILE A 64 -23.00 -17.80 -71.12
N GLU A 65 -21.93 -17.19 -70.64
CA GLU A 65 -20.80 -17.92 -70.10
C GLU A 65 -20.81 -17.80 -68.58
N GLU A 66 -20.12 -18.74 -67.93
CA GLU A 66 -19.98 -18.71 -66.49
C GLU A 66 -19.47 -17.35 -66.04
N PHE A 67 -20.17 -16.76 -65.07
CA PHE A 67 -19.85 -15.43 -64.58
C PHE A 67 -19.71 -15.41 -63.06
N CYS A 68 -19.76 -16.57 -62.42
CA CYS A 68 -19.64 -16.70 -60.98
C CYS A 68 -18.32 -17.38 -60.63
N ASN A 69 -17.75 -16.95 -59.50
CA ASN A 69 -16.46 -17.44 -59.04
C ASN A 69 -16.40 -17.39 -57.52
N ARG A 70 -15.21 -17.49 -56.93
CA ARG A 70 -15.08 -17.56 -55.45
C ARG A 70 -14.70 -16.28 -54.66
N SER A 71 -14.74 -16.37 -53.33
CA SER A 71 -14.39 -15.25 -52.41
C SER A 71 -14.51 -15.52 -50.89
N CYS A 72 -13.87 -14.69 -50.04
CA CYS A 72 -13.98 -14.82 -48.57
C CYS A 72 -15.19 -14.02 -48.12
N GLU A 73 -15.70 -14.28 -46.92
CA GLU A 73 -16.76 -13.46 -46.37
C GLU A 73 -16.26 -12.03 -46.17
N VAL A 74 -17.21 -11.13 -45.89
CA VAL A 74 -16.87 -9.77 -45.47
C VAL A 74 -15.99 -9.90 -44.23
N PRO A 75 -14.88 -9.19 -44.16
CA PRO A 75 -14.01 -9.31 -42.98
C PRO A 75 -14.75 -9.03 -41.69
N THR A 76 -14.49 -9.86 -40.68
CA THR A 76 -15.20 -9.78 -39.41
C THR A 76 -14.95 -8.43 -38.73
N ARG A 77 -15.93 -7.99 -37.94
CA ARG A 77 -15.87 -6.68 -37.32
C ARG A 77 -14.84 -6.68 -36.18
N LEU A 78 -13.90 -5.73 -36.25
CA LEU A 78 -12.88 -5.55 -35.23
C LEU A 78 -13.23 -4.33 -34.38
N ASN A 79 -13.09 -4.46 -33.05
CA ASN A 79 -13.31 -3.33 -32.17
C ASN A 79 -12.19 -2.30 -32.26
N SER A 80 -11.00 -2.72 -32.73
CA SER A 80 -9.84 -1.85 -32.74
C SER A 80 -9.64 -1.11 -34.05
N ALA A 81 -10.16 -1.64 -35.15
CA ALA A 81 -9.86 -1.08 -36.45
C ALA A 81 -11.04 -1.26 -37.38
N SER A 82 -11.16 -0.36 -38.35
CA SER A 82 -12.21 -0.42 -39.36
C SER A 82 -11.58 -0.45 -40.75
N LEU A 83 -12.28 -1.11 -41.67
CA LEU A 83 -11.79 -1.23 -43.04
C LEU A 83 -11.68 0.15 -43.69
N LYS A 84 -10.60 0.33 -44.44
CA LYS A 84 -10.46 1.57 -45.19
C LYS A 84 -11.29 1.52 -46.47
N GLN A 85 -11.57 2.70 -47.00
CA GLN A 85 -12.14 2.78 -48.34
C GLN A 85 -11.12 2.25 -49.34
N PRO A 86 -11.55 1.48 -50.36
CA PRO A 86 -12.91 1.12 -50.75
C PRO A 86 -13.38 -0.23 -50.21
N TYR A 87 -12.50 -0.90 -49.46
CA TYR A 87 -12.82 -2.24 -48.96
C TYR A 87 -14.08 -2.25 -48.11
N ILE A 88 -14.34 -1.15 -47.41
CA ILE A 88 -15.46 -1.10 -46.47
C ILE A 88 -16.81 -1.18 -47.18
N THR A 89 -16.86 -0.92 -48.49
CA THR A 89 -18.09 -1.04 -49.25
C THR A 89 -18.14 -2.29 -50.12
N GLN A 90 -17.09 -3.12 -50.10
CA GLN A 90 -16.96 -4.22 -51.02
C GLN A 90 -17.45 -5.53 -50.40
N ASN A 91 -17.89 -6.45 -51.28
CA ASN A 91 -18.32 -7.78 -50.88
C ASN A 91 -17.72 -8.88 -51.75
N TYR A 92 -16.89 -8.53 -52.73
CA TYR A 92 -16.23 -9.50 -53.59
C TYR A 92 -14.76 -9.57 -53.20
N PHE A 93 -14.35 -10.71 -52.63
CA PHE A 93 -13.00 -10.87 -52.07
C PHE A 93 -12.43 -12.22 -52.49
N PRO A 94 -12.07 -12.37 -53.77
CA PRO A 94 -11.47 -13.64 -54.22
C PRO A 94 -10.14 -13.91 -53.53
N VAL A 95 -9.68 -15.16 -53.68
CA VAL A 95 -8.43 -15.57 -53.05
C VAL A 95 -7.29 -14.69 -53.52
N GLY A 96 -6.52 -14.18 -52.56
CA GLY A 96 -5.45 -13.24 -52.85
C GLY A 96 -5.82 -11.78 -52.66
N THR A 97 -7.05 -11.48 -52.26
CA THR A 97 -7.44 -10.11 -52.02
C THR A 97 -6.88 -9.63 -50.68
N VAL A 98 -6.23 -8.48 -50.70
CA VAL A 98 -5.67 -7.87 -49.50
C VAL A 98 -6.43 -6.58 -49.24
N VAL A 99 -7.03 -6.48 -48.05
CA VAL A 99 -7.70 -5.27 -47.62
C VAL A 99 -6.80 -4.56 -46.61
N GLU A 100 -7.14 -3.33 -46.28
CA GLU A 100 -6.38 -2.54 -45.31
C GLU A 100 -7.32 -1.93 -44.28
N TYR A 101 -6.84 -1.86 -43.04
CA TYR A 101 -7.58 -1.30 -41.93
C TYR A 101 -6.98 0.03 -41.49
N GLU A 102 -7.77 0.77 -40.72
CA GLU A 102 -7.32 1.95 -40.01
C GLU A 102 -7.90 1.90 -38.61
N CYS A 103 -7.22 2.54 -37.66
CA CYS A 103 -7.59 2.40 -36.27
C CYS A 103 -8.89 3.13 -35.97
N ARG A 104 -9.76 2.48 -35.20
CA ARG A 104 -10.94 3.12 -34.68
C ARG A 104 -10.56 4.09 -33.57
N PRO A 105 -11.42 5.07 -33.29
CA PRO A 105 -11.17 5.97 -32.15
C PRO A 105 -10.95 5.18 -30.87
N GLY A 106 -10.04 5.67 -30.03
CA GLY A 106 -9.59 4.96 -28.86
C GLY A 106 -8.35 4.10 -29.08
N TYR A 107 -7.99 3.83 -30.33
CA TYR A 107 -6.84 3.00 -30.65
C TYR A 107 -5.86 3.78 -31.52
N ARG A 108 -4.61 3.32 -31.55
CA ARG A 108 -3.57 3.89 -32.39
C ARG A 108 -2.74 2.75 -32.99
N ARG A 109 -2.06 3.05 -34.08
CA ARG A 109 -1.34 2.02 -34.81
C ARG A 109 -0.16 1.50 -34.00
N GLU A 110 0.04 0.18 -34.05
CA GLU A 110 1.29 -0.44 -33.63
C GLU A 110 2.18 -0.54 -34.87
N PRO A 111 3.15 0.36 -35.02
CA PRO A 111 3.85 0.47 -36.32
C PRO A 111 4.56 -0.79 -36.77
N SER A 112 5.01 -1.65 -35.85
CA SER A 112 5.72 -2.85 -36.28
C SER A 112 4.79 -3.90 -36.87
N LEU A 113 3.48 -3.71 -36.80
CA LEU A 113 2.52 -4.70 -37.26
C LEU A 113 1.75 -4.18 -38.46
N SER A 114 1.45 -5.08 -39.40
CA SER A 114 0.74 -4.74 -40.63
C SER A 114 -0.76 -4.61 -40.37
N PRO A 115 -1.40 -3.60 -40.95
CA PRO A 115 -2.86 -3.48 -40.82
C PRO A 115 -3.61 -4.05 -42.02
N LYS A 116 -3.13 -5.15 -42.57
CA LYS A 116 -3.72 -5.75 -43.77
C LYS A 116 -4.10 -7.20 -43.51
N LEU A 117 -5.21 -7.62 -44.10
CA LEU A 117 -5.64 -9.01 -44.09
C LEU A 117 -5.71 -9.53 -45.51
N THR A 118 -5.28 -10.78 -45.70
CA THR A 118 -5.31 -11.43 -46.99
C THR A 118 -6.36 -12.53 -46.99
N CYS A 119 -7.14 -12.61 -48.06
CA CYS A 119 -8.05 -13.73 -48.26
C CYS A 119 -7.26 -14.96 -48.70
N LEU A 120 -7.27 -16.00 -47.87
CA LEU A 120 -6.47 -17.18 -48.13
C LEU A 120 -7.19 -18.16 -49.05
N GLN A 121 -6.50 -19.25 -49.41
CA GLN A 121 -7.05 -20.21 -50.36
C GLN A 121 -8.24 -20.97 -49.78
N ASN A 122 -8.31 -21.13 -48.46
CA ASN A 122 -9.44 -21.81 -47.84
C ASN A 122 -10.63 -20.89 -47.61
N LEU A 123 -10.63 -19.71 -48.23
CA LEU A 123 -11.72 -18.74 -48.15
C LEU A 123 -11.88 -18.13 -46.76
N LYS A 124 -10.76 -18.00 -46.04
CA LYS A 124 -10.74 -17.36 -44.74
C LYS A 124 -9.71 -16.24 -44.76
N TRP A 125 -9.91 -15.26 -43.87
CA TRP A 125 -8.97 -14.16 -43.77
C TRP A 125 -7.80 -14.54 -42.86
N SER A 126 -6.64 -13.96 -43.15
CA SER A 126 -5.42 -14.31 -42.44
C SER A 126 -5.51 -13.93 -40.96
N THR A 127 -4.52 -14.38 -40.20
CA THR A 127 -4.57 -14.25 -38.75
C THR A 127 -4.54 -12.79 -38.32
N ALA A 128 -5.37 -12.45 -37.34
CA ALA A 128 -5.46 -11.09 -36.84
C ALA A 128 -4.35 -10.82 -35.83
N VAL A 129 -3.64 -9.71 -36.02
CA VAL A 129 -2.67 -9.22 -35.06
C VAL A 129 -3.11 -7.84 -34.59
N GLU A 130 -2.60 -7.42 -33.44
CA GLU A 130 -3.01 -6.17 -32.81
C GLU A 130 -2.27 -5.01 -33.46
N PHE A 131 -2.57 -4.78 -34.75
CA PHE A 131 -1.96 -3.66 -35.44
C PHE A 131 -2.52 -2.32 -34.98
N CYS A 132 -3.70 -2.31 -34.37
CA CYS A 132 -4.22 -1.14 -33.67
C CYS A 132 -4.35 -1.49 -32.20
N LYS A 133 -3.61 -0.74 -31.36
CA LYS A 133 -3.62 -1.00 -29.92
C LYS A 133 -4.35 0.10 -29.16
N LYS A 134 -4.83 -0.21 -27.96
CA LYS A 134 -5.65 0.76 -27.23
C LYS A 134 -4.99 2.10 -26.95
N LYS A 135 -5.69 3.20 -27.10
CA LYS A 135 -5.08 4.49 -26.89
C LYS A 135 -5.20 4.65 -25.43
N SER A 136 -4.16 5.10 -24.77
CA SER A 136 -4.24 5.16 -23.28
C SER A 136 -4.47 6.57 -22.75
N CYS A 137 -5.22 6.70 -21.64
CA CYS A 137 -5.41 7.99 -21.00
C CYS A 137 -4.21 8.32 -20.11
N PRO A 138 -4.02 9.60 -19.78
CA PRO A 138 -2.91 9.98 -18.92
C PRO A 138 -2.97 9.31 -17.56
N ASN A 139 -1.84 9.34 -16.87
CA ASN A 139 -1.77 8.93 -15.47
C ASN A 139 -2.87 9.63 -14.68
N PRO A 140 -3.73 8.90 -13.96
CA PRO A 140 -4.78 9.56 -13.17
C PRO A 140 -4.24 10.44 -12.05
N GLY A 141 -3.00 10.23 -11.62
CA GLY A 141 -2.41 11.07 -10.59
C GLY A 141 -2.72 10.59 -9.19
N GLU A 142 -3.00 11.53 -8.28
CA GLU A 142 -3.26 11.18 -6.89
C GLU A 142 -4.20 12.20 -6.27
N ILE A 143 -4.98 11.74 -5.29
CA ILE A 143 -5.88 12.57 -4.51
C ILE A 143 -5.34 12.66 -3.09
N ARG A 144 -5.07 13.88 -2.63
CA ARG A 144 -4.58 14.05 -1.28
C ARG A 144 -5.64 13.62 -0.28
N ASN A 145 -5.24 12.76 0.66
CA ASN A 145 -6.12 12.19 1.68
C ASN A 145 -7.25 11.36 1.07
N GLY A 146 -7.06 10.89 -0.17
CA GLY A 146 -8.02 10.04 -0.82
C GLY A 146 -7.34 8.94 -1.61
N GLN A 147 -8.11 8.21 -2.42
CA GLN A 147 -7.55 7.13 -3.22
C GLN A 147 -8.27 7.06 -4.55
N ILE A 148 -7.53 6.62 -5.56
CA ILE A 148 -8.08 6.35 -6.89
C ILE A 148 -8.09 4.84 -7.08
N ASP A 149 -9.28 4.30 -7.31
CA ASP A 149 -9.48 2.90 -7.67
C ASP A 149 -9.36 2.80 -9.20
N VAL A 150 -8.37 2.05 -9.69
CA VAL A 150 -8.19 1.76 -11.11
C VAL A 150 -8.35 0.25 -11.33
N PRO A 151 -9.55 -0.28 -11.62
CA PRO A 151 -9.71 -1.74 -11.53
C PRO A 151 -9.29 -2.45 -12.79
N GLY A 152 -9.24 -1.80 -13.94
CA GLY A 152 -8.93 -2.57 -15.17
C GLY A 152 -8.05 -1.86 -16.17
N GLY A 153 -7.17 -0.99 -15.71
CA GLY A 153 -6.32 -0.21 -16.59
C GLY A 153 -6.86 1.18 -16.86
N ILE A 154 -6.14 1.91 -17.71
CA ILE A 154 -6.46 3.30 -18.02
C ILE A 154 -6.57 3.50 -19.52
N LEU A 155 -6.84 2.42 -20.25
CA LEU A 155 -6.98 2.51 -21.69
C LEU A 155 -8.36 3.05 -22.07
N PHE A 156 -8.53 3.30 -23.38
CA PHE A 156 -9.79 3.77 -23.92
C PHE A 156 -10.96 2.94 -23.40
N GLY A 157 -11.95 3.63 -22.81
CA GLY A 157 -13.12 2.99 -22.26
C GLY A 157 -13.02 2.62 -20.79
N ALA A 158 -11.87 2.84 -20.15
CA ALA A 158 -11.70 2.42 -18.76
C ALA A 158 -12.50 3.31 -17.82
N THR A 159 -12.75 2.77 -16.63
CA THR A 159 -13.42 3.47 -15.54
C THR A 159 -12.50 3.51 -14.33
N ILE A 160 -12.48 4.65 -13.64
CA ILE A 160 -11.80 4.76 -12.35
C ILE A 160 -12.74 5.50 -11.40
N SER A 161 -12.58 5.24 -10.11
CA SER A 161 -13.43 5.82 -9.09
C SER A 161 -12.60 6.38 -7.95
N PHE A 162 -13.20 7.34 -7.24
CA PHE A 162 -12.49 8.11 -6.23
C PHE A 162 -13.18 7.99 -4.87
N SER A 163 -12.37 7.99 -3.82
CA SER A 163 -12.85 7.96 -2.45
C SER A 163 -11.90 8.76 -1.59
N CYS A 164 -12.30 8.99 -0.35
CA CYS A 164 -11.49 9.73 0.60
C CYS A 164 -11.23 8.87 1.83
N ASN A 165 -10.08 9.09 2.44
CA ASN A 165 -9.72 8.36 3.64
C ASN A 165 -10.64 8.75 4.79
N THR A 166 -10.64 7.91 5.83
CA THR A 166 -11.42 8.18 7.03
C THR A 166 -11.14 9.57 7.56
N GLY A 167 -12.21 10.32 7.82
CA GLY A 167 -12.09 11.68 8.28
C GLY A 167 -12.11 12.74 7.19
N TYR A 168 -12.31 12.36 5.94
CA TYR A 168 -12.34 13.30 4.83
C TYR A 168 -13.56 13.02 3.96
N LYS A 169 -14.10 14.10 3.38
CA LYS A 169 -15.30 14.04 2.56
C LYS A 169 -14.95 14.41 1.12
N LEU A 170 -15.51 13.65 0.17
CA LEU A 170 -15.23 13.87 -1.24
C LEU A 170 -16.10 15.00 -1.77
N PHE A 171 -15.46 15.97 -2.42
CA PHE A 171 -16.15 17.04 -3.14
C PHE A 171 -15.66 17.02 -4.58
N GLY A 172 -16.59 16.87 -5.52
CA GLY A 172 -16.25 16.69 -6.92
C GLY A 172 -16.81 15.40 -7.47
N SER A 173 -16.27 14.95 -8.60
CA SER A 173 -16.76 13.75 -9.25
C SER A 173 -16.27 12.51 -8.51
N THR A 174 -17.14 11.50 -8.42
CA THR A 174 -16.81 10.24 -7.77
C THR A 174 -16.25 9.20 -8.73
N SER A 175 -16.24 9.49 -10.03
CA SER A 175 -15.72 8.55 -11.02
C SER A 175 -15.25 9.33 -12.24
N SER A 176 -14.59 8.62 -13.15
CA SER A 176 -14.15 9.20 -14.41
C SER A 176 -13.87 8.10 -15.41
N PHE A 177 -14.08 8.41 -16.69
CA PHE A 177 -13.98 7.43 -17.76
C PHE A 177 -13.02 7.93 -18.83
N CYS A 178 -12.22 7.01 -19.38
CA CYS A 178 -11.33 7.31 -20.49
C CYS A 178 -12.15 7.29 -21.77
N LEU A 179 -12.47 8.47 -22.29
CA LEU A 179 -13.28 8.59 -23.48
C LEU A 179 -12.52 9.34 -24.56
N ILE A 180 -12.97 9.17 -25.81
CA ILE A 180 -12.31 9.81 -26.92
C ILE A 180 -12.54 11.32 -26.88
N SER A 181 -11.47 12.08 -27.13
CA SER A 181 -11.52 13.54 -27.10
C SER A 181 -10.78 14.06 -28.33
N GLY A 182 -11.53 14.29 -29.40
CA GLY A 182 -10.93 14.76 -30.64
C GLY A 182 -9.92 13.76 -31.16
N SER A 183 -8.66 14.17 -31.18
CA SER A 183 -7.59 13.35 -31.75
C SER A 183 -7.07 12.28 -30.78
N SER A 184 -7.47 12.31 -29.53
CA SER A 184 -6.87 11.44 -28.52
C SER A 184 -7.97 10.91 -27.61
N VAL A 185 -7.58 10.45 -26.42
CA VAL A 185 -8.49 10.05 -25.36
C VAL A 185 -8.11 10.82 -24.11
N GLN A 186 -9.12 11.21 -23.32
CA GLN A 186 -8.90 11.99 -22.12
C GLN A 186 -9.87 11.53 -21.05
N TRP A 187 -9.58 11.89 -19.80
CA TRP A 187 -10.47 11.56 -18.70
C TRP A 187 -11.71 12.44 -18.73
N SER A 188 -12.88 11.83 -18.51
CA SER A 188 -14.12 12.56 -18.57
C SER A 188 -14.17 13.66 -17.52
N ASP A 189 -13.73 13.36 -16.30
CA ASP A 189 -13.88 14.29 -15.19
C ASP A 189 -12.55 14.51 -14.49
N PRO A 190 -12.31 15.70 -13.86
CA PRO A 190 -11.06 15.90 -13.12
C PRO A 190 -11.04 15.21 -11.75
N LEU A 191 -9.88 15.20 -11.10
CA LEU A 191 -9.75 14.59 -9.75
C LEU A 191 -10.59 15.39 -8.76
N PRO A 192 -11.27 14.73 -7.78
CA PRO A 192 -12.01 15.46 -6.75
C PRO A 192 -11.09 15.87 -5.58
N GLU A 193 -11.67 16.52 -4.57
CA GLU A 193 -10.87 16.98 -3.40
C GLU A 193 -11.41 16.34 -2.12
N CYS A 194 -10.51 15.92 -1.23
CA CYS A 194 -10.93 15.32 0.06
C CYS A 194 -10.75 16.36 1.18
N ARG A 195 -11.85 17.01 1.59
CA ARG A 195 -11.78 18.06 2.64
C ARG A 195 -12.01 17.43 4.02
N GLU A 196 -11.26 17.87 5.03
CA GLU A 196 -11.38 17.29 6.40
C GLU A 196 -12.79 17.50 6.96
N ILE A 197 -13.36 16.48 7.60
CA ILE A 197 -14.72 16.59 8.21
C ILE A 197 -14.57 17.20 9.61
N TYR A 198 -15.48 18.08 9.99
CA TYR A 198 -15.42 18.73 11.33
C TYR A 198 -16.47 18.14 12.27
N CYS A 199 -16.04 17.74 13.47
CA CYS A 199 -16.96 17.15 14.47
C CYS A 199 -17.90 18.20 15.04
N PRO A 200 -19.01 17.83 15.73
CA PRO A 200 -19.87 18.81 16.39
C PRO A 200 -19.17 19.46 17.59
N ALA A 201 -19.89 20.32 18.31
CA ALA A 201 -19.28 21.04 19.46
C ALA A 201 -19.00 20.05 20.60
N PRO A 202 -17.76 19.97 21.13
CA PRO A 202 -17.49 19.11 22.29
C PRO A 202 -18.34 19.67 23.44
N PRO A 203 -19.26 18.87 24.03
CA PRO A 203 -20.18 19.39 25.05
C PRO A 203 -19.55 19.88 26.36
N GLN A 204 -19.86 21.11 26.77
CA GLN A 204 -19.40 21.59 28.06
C GLN A 204 -19.93 20.69 29.17
N ILE A 205 -19.29 20.76 30.34
CA ILE A 205 -19.67 19.92 31.47
C ILE A 205 -19.83 20.79 32.71
N ASP A 206 -20.76 20.38 33.59
CA ASP A 206 -20.96 21.07 34.84
C ASP A 206 -19.69 20.99 35.70
N ASN A 207 -19.31 22.12 36.28
CA ASN A 207 -18.22 22.21 37.24
C ASN A 207 -16.88 21.76 36.66
N GLY A 208 -16.75 21.80 35.33
CA GLY A 208 -15.49 21.55 34.68
C GLY A 208 -15.37 22.43 33.45
N ILE A 209 -14.19 22.40 32.84
CA ILE A 209 -13.91 23.20 31.66
C ILE A 209 -13.29 22.30 30.60
N ILE A 210 -13.26 22.83 29.38
CA ILE A 210 -12.42 22.31 28.31
C ILE A 210 -11.11 23.09 28.34
N GLN A 211 -10.00 22.38 28.28
CA GLN A 211 -8.69 23.03 28.34
C GLN A 211 -8.33 23.55 26.95
N GLY A 212 -8.33 24.87 26.81
CA GLY A 212 -7.97 25.50 25.51
C GLY A 212 -8.83 25.00 24.38
N GLU A 213 -10.14 25.26 24.45
CA GLU A 213 -11.03 24.79 23.40
C GLU A 213 -10.67 25.44 22.07
N ARG A 214 -10.68 24.64 21.01
CA ARG A 214 -10.36 25.10 19.66
C ARG A 214 -11.64 25.34 18.86
N ASP A 215 -11.50 26.09 17.76
CA ASP A 215 -12.67 26.42 16.94
C ASP A 215 -13.24 25.17 16.27
N HIS A 216 -12.37 24.39 15.64
CA HIS A 216 -12.78 23.28 14.80
C HIS A 216 -12.01 22.04 15.20
N TYR A 217 -12.71 20.92 15.30
CA TYR A 217 -12.10 19.64 15.65
C TYR A 217 -12.31 18.66 14.50
N GLY A 218 -11.22 18.14 13.98
CA GLY A 218 -11.25 17.15 12.93
C GLY A 218 -10.93 15.76 13.42
N TYR A 219 -10.79 14.84 12.46
CA TYR A 219 -10.66 13.42 12.74
C TYR A 219 -9.55 13.14 13.76
N ARG A 220 -9.92 12.41 14.82
CA ARG A 220 -9.01 11.94 15.86
C ARG A 220 -8.46 13.06 16.74
N GLN A 221 -8.87 14.30 16.53
CA GLN A 221 -8.46 15.37 17.43
C GLN A 221 -9.20 15.24 18.76
N SER A 222 -8.56 15.69 19.84
CA SER A 222 -9.02 15.39 21.19
C SER A 222 -9.34 16.67 21.96
N VAL A 223 -10.33 16.55 22.85
CA VAL A 223 -10.74 17.62 23.76
C VAL A 223 -10.47 17.17 25.17
N THR A 224 -9.65 17.92 25.90
CA THR A 224 -9.27 17.57 27.26
C THR A 224 -10.08 18.36 28.27
N TYR A 225 -10.70 17.65 29.22
CA TYR A 225 -11.52 18.26 30.25
C TYR A 225 -10.75 18.35 31.57
N ALA A 226 -11.14 19.30 32.40
CA ALA A 226 -10.55 19.50 33.71
C ALA A 226 -11.61 20.00 34.66
N CYS A 227 -11.67 19.41 35.85
CA CYS A 227 -12.66 19.82 36.85
C CYS A 227 -12.18 21.04 37.62
N ASN A 228 -13.13 21.84 38.08
CA ASN A 228 -12.81 22.99 38.90
C ASN A 228 -12.41 22.55 40.31
N LYS A 229 -11.73 23.46 41.03
CA LYS A 229 -11.22 23.15 42.36
C LYS A 229 -12.33 22.63 43.26
N GLY A 230 -12.03 21.58 44.01
CA GLY A 230 -12.99 20.96 44.89
C GLY A 230 -13.91 19.95 44.25
N PHE A 231 -13.72 19.65 42.97
CA PHE A 231 -14.56 18.70 42.25
C PHE A 231 -13.74 17.54 41.75
N THR A 232 -14.33 16.35 41.80
CA THR A 232 -13.65 15.09 41.52
C THR A 232 -14.04 14.59 40.14
N MSE A 233 -13.04 14.27 39.33
CA MSE A 233 -13.30 13.77 37.98
C MSE A 233 -13.71 12.30 38.00
O MSE A 233 -13.06 11.47 38.63
CB MSE A 233 -12.08 13.95 37.08
CG MSE A 233 -12.23 13.28 35.74
SE MSE A 233 -10.89 13.87 34.49
CE MSE A 233 -11.44 15.73 34.33
N ILE A 234 -14.79 12.00 37.28
CA ILE A 234 -15.26 10.63 37.09
C ILE A 234 -15.53 10.45 35.61
N GLY A 235 -14.68 9.71 34.92
CA GLY A 235 -14.82 9.44 33.51
C GLY A 235 -13.54 9.72 32.76
N GLU A 236 -13.65 9.74 31.43
CA GLU A 236 -12.49 9.90 30.59
C GLU A 236 -11.96 11.33 30.68
N HIS A 237 -10.64 11.46 30.82
CA HIS A 237 -10.02 12.78 30.91
C HIS A 237 -10.15 13.57 29.61
N SER A 238 -10.39 12.88 28.50
CA SER A 238 -10.51 13.53 27.20
C SER A 238 -11.34 12.65 26.29
N ILE A 239 -11.88 13.26 25.22
CA ILE A 239 -12.60 12.56 24.18
C ILE A 239 -12.08 13.05 22.83
N TYR A 240 -12.32 12.24 21.80
CA TYR A 240 -11.74 12.53 20.50
C TYR A 240 -12.78 12.36 19.40
N CYS A 241 -12.49 12.98 18.26
CA CYS A 241 -13.41 13.03 17.14
C CYS A 241 -13.30 11.78 16.29
N THR A 242 -14.40 11.04 16.18
CA THR A 242 -14.54 9.95 15.23
C THR A 242 -15.26 10.46 13.98
N VAL A 243 -15.05 9.77 12.86
CA VAL A 243 -15.63 10.17 11.58
C VAL A 243 -16.06 8.92 10.82
N ASN A 244 -17.35 8.83 10.50
CA ASN A 244 -17.88 7.73 9.72
C ASN A 244 -19.01 8.24 8.84
N ASN A 245 -19.11 7.64 7.65
CA ASN A 245 -20.08 8.04 6.61
C ASN A 245 -20.12 9.57 6.45
N ASP A 246 -18.94 10.17 6.41
CA ASP A 246 -18.75 11.60 6.20
C ASP A 246 -19.35 12.45 7.33
N GLU A 247 -19.58 11.86 8.50
CA GLU A 247 -20.15 12.58 9.63
C GLU A 247 -19.28 12.37 10.86
N GLY A 248 -18.99 13.46 11.56
CA GLY A 248 -18.20 13.39 12.77
C GLY A 248 -19.03 13.16 14.01
N GLU A 249 -18.40 12.53 15.00
CA GLU A 249 -19.07 12.26 16.27
C GLU A 249 -18.00 12.01 17.33
N TRP A 250 -18.24 12.53 18.52
CA TRP A 250 -17.27 12.35 19.60
C TRP A 250 -17.26 10.91 20.09
N SER A 251 -16.10 10.49 20.59
CA SER A 251 -15.89 9.08 20.92
C SER A 251 -16.77 8.61 22.07
N GLY A 252 -17.30 9.53 22.88
CA GLY A 252 -18.15 9.17 23.98
C GLY A 252 -18.47 10.34 24.88
N PRO A 253 -19.11 10.06 26.02
CA PRO A 253 -19.53 11.15 26.89
C PRO A 253 -18.33 11.81 27.53
N PRO A 254 -18.42 13.10 27.84
CA PRO A 254 -17.37 13.76 28.60
C PRO A 254 -17.43 13.31 30.06
N PRO A 255 -16.39 13.58 30.84
CA PRO A 255 -16.38 13.12 32.23
C PRO A 255 -17.31 13.95 33.10
N GLU A 256 -17.59 13.41 34.28
CA GLU A 256 -18.36 14.10 35.30
C GLU A 256 -17.41 14.74 36.30
N CYS A 257 -17.78 15.93 36.78
CA CYS A 257 -17.10 16.59 37.87
C CYS A 257 -18.10 16.70 39.03
N ARG A 258 -17.89 15.87 40.05
CA ARG A 258 -18.82 15.73 41.18
C ARG A 258 -18.20 16.34 42.43
N GLY A 259 -19.04 17.00 43.23
CA GLY A 259 -18.57 17.64 44.43
C GLY A 259 -18.63 16.74 45.66
N VAL B 58 26.55 -8.18 -15.96
CA VAL B 58 26.88 -6.76 -16.01
C VAL B 58 25.73 -5.98 -16.63
N ALA B 59 24.88 -6.66 -17.39
CA ALA B 59 23.77 -5.99 -18.05
C ALA B 59 22.53 -5.93 -17.18
N THR B 60 22.41 -6.81 -16.20
CA THR B 60 21.33 -6.80 -15.23
C THR B 60 21.78 -6.45 -13.82
N CYS B 61 22.99 -6.87 -13.45
CA CYS B 61 23.54 -6.59 -12.12
C CYS B 61 24.18 -5.22 -12.11
N ARG B 62 23.33 -4.20 -12.10
CA ARG B 62 23.76 -2.81 -12.08
C ARG B 62 22.69 -1.98 -11.39
N PHE B 63 23.07 -0.78 -10.98
CA PHE B 63 22.17 0.06 -10.20
C PHE B 63 21.12 0.70 -11.10
N TYR B 64 19.86 0.54 -10.72
CA TYR B 64 18.74 1.19 -11.39
C TYR B 64 18.07 2.14 -10.41
N THR B 65 17.79 3.35 -10.88
CA THR B 65 17.22 4.39 -10.04
C THR B 65 15.75 4.61 -10.40
N LEU B 66 14.89 4.56 -9.40
CA LEU B 66 13.46 4.74 -9.61
C LEU B 66 13.10 6.22 -9.48
N GLU B 67 11.84 6.53 -9.77
CA GLU B 67 11.37 7.91 -9.63
C GLU B 67 11.41 8.32 -8.17
N SER B 68 11.89 9.54 -7.92
CA SER B 68 12.00 10.02 -6.56
C SER B 68 10.63 10.43 -6.04
N VAL B 69 10.55 10.55 -4.71
CA VAL B 69 9.31 10.90 -4.02
C VAL B 69 9.59 12.10 -3.12
N THR B 70 8.54 12.86 -2.85
CA THR B 70 8.66 14.09 -2.08
C THR B 70 8.30 13.80 -0.62
N TRP B 71 9.25 14.01 0.28
CA TRP B 71 9.01 13.87 1.71
C TRP B 71 8.48 15.19 2.22
N GLU B 72 7.19 15.23 2.55
CA GLU B 72 6.55 16.41 3.09
C GLU B 72 6.42 16.29 4.61
N LYS B 73 5.91 17.36 5.23
CA LYS B 73 5.67 17.32 6.67
C LYS B 73 4.63 16.26 7.02
N ASP B 74 3.63 16.06 6.16
CA ASP B 74 2.60 15.05 6.35
C ASP B 74 2.74 14.03 5.22
N SER B 75 3.59 13.03 5.44
CA SER B 75 3.84 11.97 4.48
C SER B 75 3.80 10.63 5.18
N PRO B 76 2.71 9.86 5.04
CA PRO B 76 2.64 8.58 5.76
C PRO B 76 3.76 7.62 5.39
N GLY B 77 4.17 7.62 4.14
CA GLY B 77 5.24 6.74 3.69
C GLY B 77 4.98 6.27 2.28
N TRP B 78 5.86 5.39 1.82
CA TRP B 78 5.81 4.85 0.47
C TRP B 78 6.25 3.40 0.50
N TRP B 79 5.88 2.66 -0.54
CA TRP B 79 6.38 1.29 -0.68
C TRP B 79 6.47 0.93 -2.15
N TRP B 80 7.33 -0.05 -2.44
CA TRP B 80 7.53 -0.59 -3.76
C TRP B 80 7.68 -2.10 -3.65
N LYS B 81 7.05 -2.84 -4.55
CA LYS B 81 7.23 -4.29 -4.58
C LYS B 81 8.32 -4.63 -5.58
N PHE B 82 9.12 -5.63 -5.27
CA PHE B 82 10.22 -6.03 -6.13
C PHE B 82 10.12 -7.51 -6.48
N PRO B 83 10.10 -7.85 -7.77
CA PRO B 83 10.91 -7.25 -8.84
C PRO B 83 10.07 -6.39 -9.78
N ASP B 84 8.76 -6.29 -9.54
CA ASP B 84 7.89 -5.51 -10.42
C ASP B 84 8.43 -4.10 -10.64
N ALA B 85 9.03 -3.51 -9.60
CA ALA B 85 9.58 -2.16 -9.70
C ALA B 85 10.67 -2.04 -10.76
N LEU B 86 11.21 -3.16 -11.25
CA LEU B 86 12.29 -3.15 -12.23
C LEU B 86 11.90 -3.90 -13.51
N LYS B 87 10.61 -4.06 -13.78
CA LYS B 87 10.19 -4.78 -14.97
C LYS B 87 10.46 -4.00 -16.25
N ASP B 88 11.06 -2.82 -16.17
CA ASP B 88 11.34 -1.98 -17.33
C ASP B 88 12.74 -1.38 -17.25
N MET B 89 13.61 -1.95 -16.41
CA MET B 89 14.96 -1.46 -16.20
C MET B 89 15.92 -2.14 -17.20
N GLY B 90 15.98 -1.56 -18.39
CA GLY B 90 16.89 -2.05 -19.42
C GLY B 90 16.79 -3.54 -19.64
N LEU B 91 17.94 -4.19 -19.74
CA LEU B 91 17.97 -5.62 -20.04
C LEU B 91 17.52 -6.49 -18.87
N PHE B 92 17.48 -5.94 -17.65
CA PHE B 92 16.92 -6.71 -16.53
C PHE B 92 15.44 -6.98 -16.75
N GLY B 93 14.69 -5.97 -17.19
CA GLY B 93 13.29 -6.17 -17.50
C GLY B 93 13.10 -7.07 -18.71
N GLN B 94 13.94 -6.91 -19.72
CA GLN B 94 13.80 -7.68 -20.96
C GLN B 94 14.00 -9.17 -20.70
N ASN B 95 15.06 -9.52 -19.97
CA ASN B 95 15.26 -10.91 -19.58
C ASN B 95 14.06 -11.45 -18.81
N MET B 96 13.43 -10.59 -18.00
CA MET B 96 12.24 -11.00 -17.26
C MET B 96 11.09 -11.33 -18.20
N TYR B 97 10.93 -10.59 -19.29
CA TYR B 97 9.81 -10.86 -20.16
C TYR B 97 9.98 -12.13 -20.97
N TYR B 98 11.23 -12.49 -21.28
CA TYR B 98 11.47 -13.66 -22.12
C TYR B 98 11.77 -14.93 -21.34
N HIS B 99 11.79 -14.88 -20.01
CA HIS B 99 12.09 -16.05 -19.20
C HIS B 99 10.92 -16.35 -18.27
N TYR B 100 10.80 -17.64 -17.92
CA TYR B 100 9.78 -18.09 -16.99
C TYR B 100 10.26 -18.10 -15.55
N LEU B 101 11.56 -18.28 -15.33
CA LEU B 101 12.12 -18.35 -13.99
C LEU B 101 13.16 -17.24 -13.81
N GLY B 102 13.24 -16.74 -12.59
CA GLY B 102 14.23 -15.73 -12.26
C GLY B 102 14.70 -15.89 -10.84
N ARG B 103 15.91 -15.39 -10.58
CA ARG B 103 16.52 -15.50 -9.26
C ARG B 103 17.61 -14.46 -9.16
N ALA B 104 17.47 -13.53 -8.23
CA ALA B 104 18.47 -12.47 -8.08
C ALA B 104 18.42 -11.92 -6.66
N GLY B 105 19.60 -11.61 -6.13
CA GLY B 105 19.68 -10.79 -4.95
C GLY B 105 19.56 -9.33 -5.31
N TYR B 106 19.59 -8.47 -4.30
CA TYR B 106 19.39 -7.05 -4.53
C TYR B 106 20.24 -6.24 -3.56
N THR B 107 20.77 -5.13 -4.04
CA THR B 107 21.43 -4.13 -3.22
C THR B 107 20.58 -2.86 -3.31
N ILE B 108 19.85 -2.57 -2.24
CA ILE B 108 18.94 -1.43 -2.22
C ILE B 108 19.65 -0.27 -1.56
N HIS B 109 19.65 0.88 -2.23
CA HIS B 109 20.26 2.09 -1.70
C HIS B 109 19.22 3.20 -1.73
N VAL B 110 18.94 3.76 -0.57
CA VAL B 110 17.97 4.84 -0.43
C VAL B 110 18.73 6.10 -0.08
N GLN B 111 18.35 7.21 -0.70
CA GLN B 111 19.06 8.47 -0.56
C GLN B 111 18.10 9.55 -0.11
N CYS B 112 18.49 10.29 0.93
CA CYS B 112 17.71 11.45 1.38
C CYS B 112 18.70 12.37 2.11
N ASN B 113 19.07 13.46 1.45
CA ASN B 113 20.02 14.41 2.00
C ASN B 113 19.29 15.69 2.39
N ALA B 114 19.64 16.22 3.55
CA ALA B 114 19.05 17.45 4.05
C ALA B 114 20.05 18.13 4.97
N SER B 115 19.86 19.43 5.17
CA SER B 115 20.78 20.21 5.98
C SER B 115 20.77 19.72 7.43
N LYS B 116 21.70 20.25 8.21
CA LYS B 116 21.74 19.97 9.63
C LYS B 116 20.64 20.71 10.40
N PHE B 117 19.94 21.63 9.77
CA PHE B 117 18.81 22.33 10.37
C PHE B 117 17.47 21.64 10.07
N HIS B 118 17.49 20.56 9.31
CA HIS B 118 16.30 19.72 9.12
C HIS B 118 16.33 18.56 10.11
N GLN B 119 15.15 18.19 10.59
CA GLN B 119 15.01 17.05 11.48
C GLN B 119 13.99 16.08 10.92
N GLY B 120 14.31 14.80 10.96
CA GLY B 120 13.43 13.78 10.44
C GLY B 120 14.11 12.43 10.54
N CYS B 121 13.29 11.39 10.47
CA CYS B 121 13.78 10.03 10.55
C CYS B 121 12.91 9.15 9.66
N LEU B 122 13.55 8.27 8.91
CA LEU B 122 12.86 7.33 8.02
C LEU B 122 13.19 5.91 8.42
N LEU B 123 12.26 5.00 8.12
CA LEU B 123 12.49 3.57 8.25
C LEU B 123 12.53 2.96 6.86
N VAL B 124 13.67 2.39 6.50
CA VAL B 124 13.84 1.68 5.24
C VAL B 124 13.89 0.20 5.58
N VAL B 125 12.87 -0.56 5.19
CA VAL B 125 12.75 -1.95 5.55
C VAL B 125 12.31 -2.76 4.33
N CYS B 126 12.91 -3.93 4.17
CA CYS B 126 12.53 -4.87 3.11
C CYS B 126 11.74 -6.01 3.75
N VAL B 127 10.53 -6.24 3.26
CA VAL B 127 9.61 -7.20 3.85
C VAL B 127 9.47 -8.37 2.88
N PRO B 128 10.02 -9.54 3.17
CA PRO B 128 9.77 -10.70 2.31
C PRO B 128 8.33 -11.16 2.43
N GLU B 129 7.69 -11.37 1.28
CA GLU B 129 6.31 -11.87 1.20
C GLU B 129 5.36 -10.93 1.94
N ALA B 130 5.33 -9.68 1.49
CA ALA B 130 4.47 -8.67 2.08
C ALA B 130 3.07 -8.74 1.47
N GLU B 131 2.40 -9.85 1.75
CA GLU B 131 1.02 -10.05 1.24
C GLU B 131 0.12 -8.97 1.85
N MET B 132 -0.23 -7.95 1.06
CA MET B 132 -1.02 -6.83 1.62
C MET B 132 -2.49 -7.25 1.79
N GLY B 133 -3.30 -6.38 2.39
CA GLY B 133 -4.72 -6.69 2.62
C GLY B 133 -5.61 -5.60 2.04
N CYS B 134 -6.87 -5.94 1.74
CA CYS B 134 -7.76 -4.97 1.07
C CYS B 134 -8.48 -4.09 2.10
N SER B 135 -8.74 -2.83 1.75
CA SER B 135 -9.52 -1.95 2.64
C SER B 135 -10.90 -2.56 2.86
N ASP B 136 -11.52 -3.08 1.80
CA ASP B 136 -12.81 -3.79 1.97
C ASP B 136 -12.48 -5.18 2.51
N VAL B 137 -12.80 -5.45 3.79
CA VAL B 137 -12.41 -6.75 4.43
C VAL B 137 -12.93 -7.92 3.59
N GLY B 138 -14.05 -7.74 2.88
CA GLY B 138 -14.56 -8.79 1.99
C GLY B 138 -14.27 -8.48 0.54
N GLY B 139 -13.15 -8.98 0.01
CA GLY B 139 -12.76 -8.71 -1.38
C GLY B 139 -11.27 -8.92 -1.61
N THR B 140 -10.79 -8.64 -2.82
CA THR B 140 -9.35 -8.83 -3.14
C THR B 140 -8.71 -7.48 -3.49
N VAL B 141 -7.48 -7.49 -4.00
CA VAL B 141 -6.77 -6.23 -4.38
C VAL B 141 -6.40 -6.32 -5.86
N ASN B 142 -6.30 -5.18 -6.55
CA ASN B 142 -5.81 -5.20 -7.95
C ASN B 142 -4.30 -5.17 -7.93
N GLU B 143 -3.64 -5.70 -8.97
CA GLU B 143 -2.16 -5.54 -9.01
C GLU B 143 -1.87 -4.05 -8.86
N HIS B 144 -2.72 -3.20 -9.44
CA HIS B 144 -2.49 -1.76 -9.38
C HIS B 144 -2.49 -1.25 -7.94
N ALA B 145 -3.25 -1.91 -7.06
CA ALA B 145 -3.31 -1.50 -5.66
C ALA B 145 -2.06 -1.90 -4.87
N ILE B 146 -1.26 -2.83 -5.38
CA ILE B 146 -0.04 -3.25 -4.71
C ILE B 146 1.21 -2.57 -5.27
N SER B 147 1.25 -2.35 -6.58
CA SER B 147 2.45 -1.83 -7.22
C SER B 147 2.05 -1.03 -8.45
N GLU B 148 2.68 0.13 -8.62
CA GLU B 148 2.58 0.91 -9.84
C GLU B 148 3.88 0.89 -10.64
N GLY B 149 4.71 -0.13 -10.45
CA GLY B 149 5.99 -0.22 -11.11
C GLY B 149 7.04 0.68 -10.50
N GLU B 150 7.62 1.57 -11.31
CA GLU B 150 8.59 2.53 -10.81
C GLU B 150 7.95 3.57 -9.89
N ILE B 151 6.64 3.81 -10.03
CA ILE B 151 5.93 4.73 -9.17
C ILE B 151 5.57 4.06 -7.84
N ALA B 152 5.68 4.83 -6.77
CA ALA B 152 5.50 4.30 -5.43
C ALA B 152 4.05 4.37 -5.01
N LYS B 153 3.64 3.38 -4.20
CA LYS B 153 2.35 3.42 -3.53
C LYS B 153 2.52 4.14 -2.21
N LYS B 154 1.54 4.96 -1.86
CA LYS B 154 1.62 5.83 -0.69
C LYS B 154 0.73 5.29 0.43
N PHE B 155 1.29 5.21 1.63
CA PHE B 155 0.50 4.87 2.80
C PHE B 155 -0.45 6.02 3.13
N SER B 156 -1.25 5.85 4.17
CA SER B 156 -2.18 6.87 4.60
C SER B 156 -2.12 7.01 6.11
N ALA B 157 -2.51 8.19 6.59
CA ALA B 157 -2.59 8.45 8.01
C ALA B 157 -3.94 8.07 8.60
N THR B 158 -4.87 7.60 7.79
CA THR B 158 -6.22 7.24 8.22
C THR B 158 -6.64 5.97 7.50
N ALA B 159 -7.74 5.39 7.97
CA ALA B 159 -8.31 4.23 7.31
C ALA B 159 -8.73 4.56 5.89
N THR B 160 -8.52 3.63 4.98
CA THR B 160 -8.85 3.82 3.57
C THR B 160 -10.11 3.04 3.22
N ASN B 161 -10.82 3.52 2.20
CA ASN B 161 -12.00 2.85 1.70
C ASN B 161 -11.85 2.65 0.19
N GLY B 162 -12.83 2.01 -0.41
CA GLY B 162 -12.84 1.73 -1.83
C GLY B 162 -12.75 0.24 -2.13
N ALA B 163 -13.03 -0.07 -3.39
CA ALA B 163 -13.05 -1.45 -3.86
C ALA B 163 -11.71 -1.81 -4.47
N HIS B 164 -11.14 -2.93 -4.03
CA HIS B 164 -9.90 -3.53 -4.54
C HIS B 164 -8.67 -2.72 -4.21
N THR B 165 -8.76 -1.77 -3.28
CA THR B 165 -7.64 -0.96 -2.87
C THR B 165 -7.09 -1.44 -1.53
N VAL B 166 -5.78 -1.28 -1.34
CA VAL B 166 -5.14 -1.78 -0.14
C VAL B 166 -5.51 -0.90 1.05
N GLN B 167 -5.62 -1.54 2.22
CA GLN B 167 -5.80 -0.81 3.48
C GLN B 167 -4.44 -0.24 3.87
N SER B 168 -4.17 0.98 3.42
CA SER B 168 -2.84 1.57 3.45
C SER B 168 -2.67 2.53 4.62
N ILE B 169 -3.32 2.27 5.75
CA ILE B 169 -3.02 3.02 6.97
C ILE B 169 -1.64 2.62 7.46
N VAL B 170 -0.77 3.61 7.66
CA VAL B 170 0.64 3.33 7.88
C VAL B 170 0.85 2.60 9.20
N THR B 171 -0.01 2.83 10.20
CA THR B 171 0.18 2.21 11.51
C THR B 171 0.14 0.70 11.43
N ASN B 172 -0.66 0.15 10.51
CA ASN B 172 -0.79 -1.28 10.32
C ASN B 172 0.05 -1.79 9.16
N ALA B 173 0.66 -0.89 8.39
CA ALA B 173 1.61 -1.22 7.33
C ALA B 173 1.01 -2.07 6.22
N GLY B 174 -0.32 -2.00 6.06
CA GLY B 174 -0.97 -2.76 5.02
C GLY B 174 -0.89 -4.26 5.18
N MET B 175 -0.57 -4.74 6.38
CA MET B 175 -0.42 -6.17 6.61
C MET B 175 -1.00 -6.63 7.94
N GLY B 176 -1.73 -5.76 8.64
CA GLY B 176 -2.34 -6.14 9.90
C GLY B 176 -1.34 -6.45 10.99
N VAL B 177 -0.27 -5.65 11.09
CA VAL B 177 0.79 -5.85 12.07
C VAL B 177 1.19 -4.49 12.62
N GLY B 178 1.98 -4.52 13.69
CA GLY B 178 2.50 -3.30 14.28
C GLY B 178 3.62 -2.71 13.44
N VAL B 179 3.46 -1.45 13.04
CA VAL B 179 4.48 -0.79 12.22
C VAL B 179 5.81 -0.73 12.96
N GLY B 180 5.76 -0.51 14.28
CA GLY B 180 6.99 -0.47 15.06
C GLY B 180 7.71 -1.79 15.15
N ASN B 181 7.02 -2.89 14.83
CA ASN B 181 7.62 -4.22 14.86
C ASN B 181 8.25 -4.61 13.52
N LEU B 182 8.26 -3.72 12.54
CA LEU B 182 8.90 -4.00 11.26
C LEU B 182 10.42 -4.11 11.35
N THR B 183 11.00 -3.73 12.49
CA THR B 183 12.44 -3.86 12.67
C THR B 183 12.92 -5.32 12.64
N ILE B 184 12.01 -6.28 12.78
CA ILE B 184 12.39 -7.69 12.69
C ILE B 184 12.94 -8.02 11.30
N TYR B 185 12.42 -7.37 10.27
CA TYR B 185 12.94 -7.54 8.92
C TYR B 185 14.25 -6.76 8.78
N PRO B 186 15.05 -7.08 7.77
CA PRO B 186 16.24 -6.25 7.49
C PRO B 186 15.84 -4.80 7.27
N HIS B 187 16.53 -3.89 7.94
CA HIS B 187 16.09 -2.51 7.95
C HIS B 187 17.26 -1.59 8.29
N GLN B 188 17.05 -0.31 8.00
CA GLN B 188 17.95 0.76 8.41
C GLN B 188 17.12 2.01 8.62
N TRP B 189 17.69 2.95 9.37
CA TRP B 189 17.05 4.23 9.60
C TRP B 189 17.88 5.35 8.96
N VAL B 190 17.19 6.39 8.52
CA VAL B 190 17.83 7.55 7.92
C VAL B 190 17.49 8.74 8.82
N ASN B 191 18.36 9.02 9.78
CA ASN B 191 18.20 10.16 10.67
C ASN B 191 18.98 11.33 10.08
N LEU B 192 18.27 12.41 9.74
CA LEU B 192 18.90 13.52 9.04
C LEU B 192 20.04 14.12 9.84
N ARG B 193 20.01 14.00 11.17
CA ARG B 193 21.11 14.46 11.99
C ARG B 193 22.29 13.51 11.98
N THR B 194 22.11 12.29 11.49
CA THR B 194 23.14 11.26 11.57
C THR B 194 23.62 10.82 10.19
N ASN B 195 22.72 10.42 9.30
CA ASN B 195 23.09 9.87 8.01
C ASN B 195 22.15 10.43 6.95
N ASN B 196 22.45 10.08 5.69
CA ASN B 196 21.65 10.54 4.57
C ASN B 196 21.35 9.45 3.58
N SER B 197 21.77 8.21 3.83
CA SER B 197 21.56 7.11 2.91
C SER B 197 21.41 5.83 3.72
N ALA B 198 20.72 4.85 3.13
CA ALA B 198 20.56 3.54 3.73
C ALA B 198 20.85 2.48 2.69
N THR B 199 21.61 1.47 3.08
CA THR B 199 22.00 0.39 2.17
C THR B 199 21.62 -0.95 2.79
N ILE B 200 20.93 -1.77 2.02
CA ILE B 200 20.52 -3.11 2.44
C ILE B 200 20.87 -4.08 1.33
N VAL B 201 21.52 -5.18 1.68
CA VAL B 201 21.85 -6.23 0.73
C VAL B 201 20.89 -7.38 0.97
N MET B 202 20.02 -7.62 -0.01
CA MET B 202 18.97 -8.62 0.12
C MET B 202 19.26 -9.80 -0.79
N PRO B 203 19.53 -10.99 -0.27
CA PRO B 203 19.67 -12.17 -1.12
C PRO B 203 18.30 -12.65 -1.60
N TYR B 204 18.32 -13.73 -2.38
CA TYR B 204 17.08 -14.32 -2.85
C TYR B 204 16.46 -15.15 -1.74
N ILE B 205 15.27 -14.75 -1.30
CA ILE B 205 14.54 -15.44 -0.25
C ILE B 205 13.23 -15.93 -0.84
N ASN B 206 13.01 -17.23 -0.79
CA ASN B 206 11.78 -17.85 -1.27
C ASN B 206 11.78 -19.29 -0.78
N SER B 207 10.61 -19.93 -0.85
CA SER B 207 10.49 -21.33 -0.50
C SER B 207 10.86 -22.25 -1.66
N VAL B 208 11.37 -21.68 -2.75
CA VAL B 208 11.78 -22.45 -3.93
C VAL B 208 13.03 -21.82 -4.52
N PRO B 209 13.85 -22.62 -5.20
CA PRO B 209 15.11 -22.08 -5.74
C PRO B 209 14.93 -20.94 -6.73
N MET B 210 13.88 -20.98 -7.55
CA MET B 210 13.60 -19.93 -8.53
C MET B 210 12.10 -19.75 -8.63
N ASP B 211 11.68 -18.65 -9.25
CA ASP B 211 10.26 -18.36 -9.35
C ASP B 211 10.07 -17.31 -10.45
N ASN B 212 8.83 -17.17 -10.89
CA ASN B 212 8.48 -16.20 -11.91
C ASN B 212 8.46 -14.81 -11.29
N MET B 213 9.12 -13.86 -11.96
CA MET B 213 9.25 -12.51 -11.43
C MET B 213 8.00 -11.66 -11.65
N PHE B 214 7.11 -12.09 -12.53
CA PHE B 214 5.86 -11.37 -12.76
C PHE B 214 4.77 -11.84 -11.83
N ARG B 215 4.68 -13.15 -11.64
CA ARG B 215 3.61 -13.75 -10.84
C ARG B 215 3.88 -13.62 -9.34
N HIS B 216 5.10 -13.28 -8.94
CA HIS B 216 5.48 -13.28 -7.53
C HIS B 216 6.28 -12.03 -7.21
N HIS B 217 5.95 -11.37 -6.10
CA HIS B 217 6.73 -10.25 -5.57
C HIS B 217 7.54 -10.77 -4.40
N ASN B 218 8.85 -10.92 -4.60
CA ASN B 218 9.69 -11.58 -3.60
C ASN B 218 9.74 -10.78 -2.31
N PHE B 219 9.91 -9.46 -2.40
CA PHE B 219 9.97 -8.63 -1.21
C PHE B 219 9.44 -7.24 -1.56
N THR B 220 9.03 -6.52 -0.52
CA THR B 220 8.51 -5.16 -0.66
C THR B 220 9.38 -4.21 0.13
N LEU B 221 9.75 -3.10 -0.50
CA LEU B 221 10.57 -2.08 0.15
C LEU B 221 9.65 -0.99 0.65
N MET B 222 9.73 -0.70 1.95
CA MET B 222 8.91 0.31 2.58
C MET B 222 9.79 1.43 3.12
N ILE B 223 9.33 2.66 2.98
CA ILE B 223 9.97 3.82 3.58
C ILE B 223 8.91 4.54 4.39
N ILE B 224 9.12 4.61 5.71
CA ILE B 224 8.10 5.08 6.64
C ILE B 224 8.73 6.09 7.59
N PRO B 225 8.41 7.37 7.48
CA PRO B 225 8.94 8.35 8.43
C PRO B 225 8.23 8.28 9.77
N PHE B 226 8.93 7.76 10.78
CA PHE B 226 8.39 7.78 12.14
C PHE B 226 8.41 9.19 12.70
N VAL B 227 9.46 9.95 12.41
CA VAL B 227 9.58 11.34 12.83
C VAL B 227 9.30 12.22 11.61
N SER B 228 8.23 13.02 11.61
CA SER B 228 7.90 13.81 10.44
C SER B 228 8.98 14.83 10.12
N LEU B 229 9.17 15.08 8.84
CA LEU B 229 10.12 16.10 8.41
C LEU B 229 9.70 17.46 8.93
N ASP B 230 10.66 18.20 9.47
CA ASP B 230 10.38 19.54 9.97
C ASP B 230 11.61 20.41 9.74
N TYR B 231 11.37 21.68 9.46
CA TYR B 231 12.42 22.66 9.25
C TYR B 231 11.93 24.01 9.75
N SER B 232 12.67 25.06 9.41
CA SER B 232 12.40 26.39 9.94
C SER B 232 12.02 27.35 8.81
N SER B 233 11.91 28.64 9.18
CA SER B 233 11.32 29.67 8.35
C SER B 233 11.71 29.60 6.88
N ASP B 234 13.01 29.68 6.59
CA ASP B 234 13.47 29.80 5.22
C ASP B 234 14.52 28.75 4.89
N ALA B 235 14.31 27.53 5.36
CA ALA B 235 15.12 26.40 4.94
C ALA B 235 14.50 25.77 3.69
N SER B 236 15.25 24.85 3.08
CA SER B 236 14.75 24.19 1.88
C SER B 236 13.49 23.40 2.21
N THR B 237 12.47 23.55 1.38
CA THR B 237 11.20 22.87 1.61
C THR B 237 11.10 21.55 0.87
N TYR B 238 11.87 21.39 -0.22
CA TYR B 238 11.80 20.19 -1.05
C TYR B 238 12.92 19.26 -0.60
N VAL B 239 12.54 18.17 0.06
CA VAL B 239 13.47 17.16 0.52
C VAL B 239 13.05 15.83 -0.11
N PRO B 240 13.68 15.42 -1.20
CA PRO B 240 13.26 14.20 -1.88
C PRO B 240 13.90 12.96 -1.29
N ILE B 241 13.34 11.82 -1.66
CA ILE B 241 13.88 10.51 -1.30
C ILE B 241 14.06 9.73 -2.59
N THR B 242 15.25 9.20 -2.81
CA THR B 242 15.58 8.51 -4.05
C THR B 242 16.02 7.09 -3.72
N VAL B 243 15.54 6.15 -4.53
CA VAL B 243 15.79 4.72 -4.32
C VAL B 243 16.60 4.20 -5.49
N THR B 244 17.68 3.49 -5.20
CA THR B 244 18.54 2.89 -6.21
C THR B 244 18.69 1.42 -5.87
N VAL B 245 18.38 0.55 -6.82
CA VAL B 245 18.38 -0.90 -6.60
C VAL B 245 19.25 -1.52 -7.68
N ALA B 246 20.03 -2.52 -7.28
CA ALA B 246 20.88 -3.26 -8.21
C ALA B 246 20.66 -4.75 -7.97
N PRO B 247 20.23 -5.50 -8.99
CA PRO B 247 20.23 -6.96 -8.87
C PRO B 247 21.64 -7.50 -8.68
N MET B 248 21.72 -8.66 -8.04
CA MET B 248 22.99 -9.32 -7.80
C MET B 248 22.83 -10.81 -8.07
N CYS B 249 23.77 -11.38 -8.82
CA CYS B 249 23.77 -12.80 -9.15
C CYS B 249 22.43 -13.22 -9.75
N ALA B 250 22.08 -12.56 -10.83
CA ALA B 250 20.81 -12.82 -11.50
C ALA B 250 20.92 -14.03 -12.40
N GLU B 251 19.92 -14.92 -12.33
CA GLU B 251 19.82 -16.09 -13.17
C GLU B 251 18.42 -16.17 -13.74
N TYR B 252 18.31 -16.77 -14.93
CA TYR B 252 17.03 -16.89 -15.62
C TYR B 252 16.91 -18.27 -16.23
N ASN B 253 15.68 -18.76 -16.34
CA ASN B 253 15.41 -20.05 -16.96
C ASN B 253 14.03 -20.03 -17.59
N GLY B 254 13.83 -20.93 -18.54
CA GLY B 254 12.56 -21.05 -19.22
C GLY B 254 12.42 -20.02 -20.32
N LEU B 255 13.37 -20.00 -21.25
CA LEU B 255 13.34 -19.01 -22.32
C LEU B 255 12.27 -19.35 -23.34
N ARG B 256 11.47 -18.33 -23.66
CA ARG B 256 10.40 -18.47 -24.63
C ARG B 256 9.95 -17.06 -25.01
N LEU B 257 8.95 -16.93 -25.87
CA LEU B 257 8.45 -15.63 -26.30
C LEU B 257 8.12 -14.74 -25.11
N ALA B 258 8.20 -13.43 -25.33
CA ALA B 258 7.95 -12.48 -24.26
C ALA B 258 6.49 -12.44 -23.88
N THR B 259 6.23 -12.38 -22.57
CA THR B 259 4.88 -12.25 -22.07
C THR B 259 4.40 -10.80 -22.22
N SER B 260 3.09 -10.62 -22.24
CA SER B 260 2.49 -9.31 -22.43
C SER B 260 1.51 -9.02 -21.30
N LEU B 261 1.64 -7.85 -20.70
CA LEU B 261 0.76 -7.45 -19.61
C LEU B 261 -0.27 -6.43 -20.08
N LEU C 43 12.71 -18.44 19.93
CA LEU C 43 11.97 -17.19 19.91
C LEU C 43 12.74 -16.06 20.54
N MET C 44 13.63 -16.37 21.48
CA MET C 44 14.42 -15.32 22.12
C MET C 44 15.28 -14.55 21.12
N GLU C 45 15.62 -15.16 19.99
CA GLU C 45 16.30 -14.45 18.92
C GLU C 45 15.45 -13.26 18.45
N ILE C 46 14.14 -13.48 18.33
CA ILE C 46 13.24 -12.40 17.93
C ILE C 46 13.15 -11.33 19.01
N ALA C 47 13.05 -11.77 20.27
CA ALA C 47 12.88 -10.82 21.38
C ALA C 47 14.08 -9.90 21.53
N GLU C 48 15.27 -10.35 21.15
CA GLU C 48 16.48 -9.54 21.27
C GLU C 48 16.62 -8.49 20.18
N VAL C 49 15.59 -8.31 19.35
CA VAL C 49 15.61 -7.33 18.27
C VAL C 49 14.86 -6.08 18.74
N ASP C 50 15.45 -4.92 18.52
CA ASP C 50 14.83 -3.67 18.92
C ASP C 50 13.50 -3.49 18.21
N SER C 51 12.50 -2.99 18.93
CA SER C 51 11.21 -2.66 18.36
C SER C 51 10.75 -1.34 18.94
N VAL C 52 10.10 -0.52 18.10
CA VAL C 52 9.72 0.82 18.54
C VAL C 52 8.61 0.72 19.56
N VAL C 53 8.68 1.56 20.59
CA VAL C 53 7.82 1.48 21.76
C VAL C 53 6.80 2.62 21.69
N PRO C 54 5.50 2.33 21.64
CA PRO C 54 4.52 3.41 21.64
C PRO C 54 4.38 4.05 23.02
N VAL C 55 5.48 4.70 23.43
CA VAL C 55 5.55 5.34 24.76
C VAL C 55 4.42 6.36 24.85
N ASN C 56 4.28 7.20 23.82
CA ASN C 56 3.24 8.25 23.84
C ASN C 56 1.87 7.63 23.55
N ASN C 57 1.54 6.50 24.20
CA ASN C 57 0.20 5.91 24.02
C ASN C 57 -0.83 6.78 24.73
N VAL C 58 -0.99 8.02 24.29
CA VAL C 58 -1.96 8.96 24.93
C VAL C 58 -3.32 8.78 24.29
N VAL C 59 -4.23 9.73 24.50
CA VAL C 59 -5.59 9.65 23.90
C VAL C 59 -5.57 10.33 22.53
N GLY C 60 -6.19 9.70 21.53
CA GLY C 60 -6.26 10.29 20.17
C GLY C 60 -5.11 9.82 19.31
N LYS C 61 -3.89 9.87 19.83
CA LYS C 61 -2.69 9.47 19.04
C LYS C 61 -2.43 7.97 19.21
N LEU C 62 -3.49 7.16 19.32
CA LEU C 62 -3.32 5.69 19.42
C LEU C 62 -3.21 5.09 18.01
N ASP C 63 -3.62 5.84 16.97
CA ASP C 63 -3.62 5.32 15.58
C ASP C 63 -2.78 6.22 14.66
N THR C 64 -1.86 7.00 15.23
CA THR C 64 -0.94 7.83 14.41
C THR C 64 0.43 7.19 14.42
N MET C 65 1.42 7.84 13.82
CA MET C 65 2.80 7.35 13.97
C MET C 65 3.33 8.04 15.23
N ASP C 66 2.73 9.16 15.62
CA ASP C 66 3.17 9.95 16.80
C ASP C 66 3.10 9.10 18.07
N ILE C 67 2.40 7.97 18.01
CA ILE C 67 2.40 7.07 19.20
C ILE C 67 3.85 6.68 19.51
N PHE C 68 4.73 6.68 18.50
CA PHE C 68 6.12 6.20 18.74
C PHE C 68 7.07 7.39 19.02
N ARG C 69 6.53 8.57 19.30
CA ARG C 69 7.39 9.77 19.47
C ARG C 69 7.20 10.40 20.86
N ILE C 70 8.30 10.68 21.56
CA ILE C 70 8.22 11.37 22.88
C ILE C 70 8.56 12.84 22.65
N PRO C 71 7.65 13.80 22.92
CA PRO C 71 7.89 15.22 22.60
C PRO C 71 8.86 15.85 23.58
N VAL C 72 9.84 16.58 23.03
CA VAL C 72 10.77 17.40 23.79
C VAL C 72 10.94 18.72 23.06
N GLN C 73 11.38 19.73 23.80
CA GLN C 73 11.49 21.06 23.23
C GLN C 73 12.51 21.88 24.01
N SER C 74 12.95 22.97 23.39
CA SER C 74 13.89 23.88 24.02
C SER C 74 13.15 24.76 25.02
N GLY C 75 13.92 25.41 25.89
CA GLY C 75 13.38 26.28 26.90
C GLY C 75 13.55 25.72 28.30
N ASN C 76 13.01 26.45 29.26
CA ASN C 76 13.07 26.05 30.67
C ASN C 76 11.91 25.10 30.94
N HIS C 77 12.17 23.80 30.75
CA HIS C 77 11.15 22.77 30.98
C HIS C 77 11.72 21.64 31.82
N GLN C 78 12.71 21.94 32.66
CA GLN C 78 13.28 20.90 33.52
C GLN C 78 12.26 20.35 34.49
N SER C 79 11.45 21.21 35.10
CA SER C 79 10.42 20.76 36.03
C SER C 79 9.45 19.80 35.37
N THR C 80 9.21 19.94 34.08
CA THR C 80 8.29 19.07 33.36
C THR C 80 8.98 17.75 33.02
N GLN C 81 8.39 16.65 33.49
CA GLN C 81 8.90 15.33 33.17
C GLN C 81 8.69 15.02 31.70
N VAL C 82 9.60 14.23 31.13
CA VAL C 82 9.52 13.90 29.71
C VAL C 82 8.56 12.75 29.48
N PHE C 83 8.83 11.60 30.10
CA PHE C 83 7.95 10.45 29.98
C PHE C 83 8.14 9.56 31.20
N GLY C 84 7.20 8.64 31.38
CA GLY C 84 7.31 7.67 32.45
C GLY C 84 6.36 6.51 32.28
N PHE C 85 6.81 5.31 32.60
CA PHE C 85 5.99 4.11 32.45
C PHE C 85 6.54 3.01 33.36
N GLN C 86 5.71 2.01 33.60
CA GLN C 86 6.06 0.87 34.43
C GLN C 86 6.78 -0.19 33.59
N VAL C 87 7.63 -0.96 34.27
CA VAL C 87 8.37 -2.05 33.59
C VAL C 87 7.47 -3.27 33.66
N GLN C 88 6.57 -3.36 32.69
CA GLN C 88 5.67 -4.51 32.53
C GLN C 88 5.74 -4.91 31.06
N PRO C 89 6.78 -5.64 30.66
CA PRO C 89 7.03 -5.86 29.23
C PRO C 89 5.93 -6.62 28.51
N GLY C 90 5.07 -7.34 29.22
CA GLY C 90 4.02 -8.09 28.56
C GLY C 90 2.62 -7.72 28.97
N LEU C 91 2.49 -6.81 29.93
CA LEU C 91 1.19 -6.43 30.47
C LEU C 91 0.83 -4.97 30.24
N ASP C 92 1.79 -4.06 30.44
CA ASP C 92 1.51 -2.64 30.25
C ASP C 92 1.26 -2.36 28.77
N SER C 93 0.35 -1.42 28.51
CA SER C 93 0.02 -1.05 27.14
C SER C 93 1.23 -0.52 26.39
N VAL C 94 2.23 -0.03 27.10
CA VAL C 94 3.41 0.53 26.45
C VAL C 94 4.20 -0.56 25.73
N PHE C 95 4.29 -1.75 26.33
CA PHE C 95 5.17 -2.79 25.83
C PHE C 95 4.47 -4.04 25.30
N LYS C 96 3.23 -4.29 25.69
CA LYS C 96 2.62 -5.59 25.45
C LYS C 96 2.48 -5.92 23.97
N HIS C 97 2.48 -4.93 23.08
CA HIS C 97 2.31 -5.17 21.66
C HIS C 97 3.60 -4.99 20.87
N THR C 98 4.75 -4.91 21.55
CA THR C 98 6.04 -4.89 20.88
C THR C 98 6.47 -6.32 20.56
N LEU C 99 7.61 -6.45 19.88
CA LEU C 99 8.15 -7.79 19.61
C LEU C 99 8.43 -8.53 20.91
N LEU C 100 9.05 -7.85 21.88
CA LEU C 100 9.29 -8.47 23.17
C LEU C 100 7.97 -8.77 23.88
N GLY C 101 7.05 -7.80 23.89
CA GLY C 101 5.78 -8.00 24.57
C GLY C 101 4.94 -9.11 23.96
N GLU C 102 4.87 -9.17 22.63
CA GLU C 102 4.06 -10.19 21.97
C GLU C 102 4.60 -11.59 22.26
N ILE C 103 5.92 -11.77 22.19
CA ILE C 103 6.52 -13.07 22.49
C ILE C 103 6.24 -13.47 23.94
N LEU C 104 6.33 -12.51 24.85
CA LEU C 104 6.09 -12.80 26.27
C LEU C 104 4.65 -13.25 26.53
N ASN C 105 3.70 -12.67 25.81
CA ASN C 105 2.29 -13.02 26.02
C ASN C 105 1.98 -14.49 25.70
N TYR C 106 2.87 -15.19 25.02
CA TYR C 106 2.76 -16.63 24.83
C TYR C 106 3.35 -17.42 26.00
N TYR C 107 3.88 -16.74 27.01
CA TYR C 107 4.51 -17.37 28.16
C TYR C 107 4.02 -16.71 29.44
N ALA C 108 4.06 -17.47 30.54
CA ALA C 108 3.56 -16.96 31.81
C ALA C 108 4.64 -16.39 32.71
N HIS C 109 5.90 -16.82 32.54
CA HIS C 109 7.04 -16.35 33.31
C HIS C 109 8.11 -15.79 32.40
N TRP C 110 8.75 -14.72 32.85
CA TRP C 110 9.87 -14.14 32.12
C TRP C 110 10.95 -13.76 33.13
N SER C 111 12.20 -13.78 32.67
CA SER C 111 13.33 -13.41 33.51
C SER C 111 14.43 -12.87 32.62
N GLY C 112 15.14 -11.86 33.12
CA GLY C 112 16.28 -11.30 32.41
C GLY C 112 16.21 -9.79 32.35
N SER C 113 17.28 -9.22 31.81
CA SER C 113 17.39 -7.78 31.70
C SER C 113 16.72 -7.29 30.43
N VAL C 114 16.37 -6.02 30.42
CA VAL C 114 15.68 -5.40 29.29
C VAL C 114 16.51 -4.21 28.81
N LYS C 115 16.61 -4.07 27.50
CA LYS C 115 17.32 -2.96 26.88
C LYS C 115 16.33 -1.93 26.40
N LEU C 116 16.48 -0.69 26.85
CA LEU C 116 15.71 0.43 26.35
C LEU C 116 16.68 1.36 25.63
N THR C 117 16.51 1.49 24.32
CA THR C 117 17.38 2.31 23.49
C THR C 117 16.62 3.55 23.08
N PHE C 118 17.18 4.71 23.36
CA PHE C 118 16.55 5.99 23.09
C PHE C 118 17.35 6.72 22.04
N VAL C 119 16.68 7.19 20.99
CA VAL C 119 17.32 7.87 19.88
C VAL C 119 16.76 9.27 19.77
N PHE C 120 17.65 10.25 19.65
CA PHE C 120 17.27 11.64 19.48
C PHE C 120 17.10 11.92 18.00
N CYS C 121 15.91 12.35 17.60
CA CYS C 121 15.56 12.54 16.20
C CYS C 121 15.33 14.01 15.87
N GLY C 122 16.14 14.88 16.47
CA GLY C 122 16.10 16.30 16.16
C GLY C 122 17.16 16.69 15.15
N SER C 123 17.33 18.00 14.99
CA SER C 123 18.34 18.52 14.08
C SER C 123 19.73 18.33 14.65
N ALA C 124 20.71 18.16 13.76
CA ALA C 124 22.09 17.98 14.18
C ALA C 124 22.64 19.18 14.92
N MET C 125 22.05 20.36 14.72
CA MET C 125 22.45 21.56 15.45
C MET C 125 21.81 21.66 16.83
N ALA C 126 20.94 20.74 17.19
CA ALA C 126 20.32 20.74 18.51
C ALA C 126 21.13 19.87 19.46
N THR C 127 21.40 20.39 20.65
CA THR C 127 22.18 19.69 21.66
C THR C 127 21.38 19.63 22.96
N GLY C 128 21.56 18.55 23.71
CA GLY C 128 20.85 18.40 24.97
C GLY C 128 21.36 17.21 25.74
N LYS C 129 20.91 17.15 27.00
CA LYS C 129 21.24 16.04 27.89
C LYS C 129 20.00 15.62 28.65
N PHE C 130 19.85 14.31 28.83
CA PHE C 130 18.69 13.74 29.51
C PHE C 130 19.13 12.75 30.57
N LEU C 131 18.31 12.61 31.59
CA LEU C 131 18.56 11.66 32.67
C LEU C 131 17.51 10.56 32.57
N LEU C 132 17.97 9.37 32.18
CA LEU C 132 17.10 8.20 32.06
C LEU C 132 17.30 7.35 33.30
N ALA C 133 16.23 7.16 34.08
CA ALA C 133 16.33 6.51 35.38
C ALA C 133 15.41 5.31 35.45
N TYR C 134 15.90 4.25 36.08
CA TYR C 134 15.11 3.06 36.41
C TYR C 134 15.01 2.96 37.93
N SER C 135 13.78 2.92 38.43
CA SER C 135 13.52 2.90 39.86
C SER C 135 12.92 1.57 40.25
N PRO C 136 13.67 0.68 40.91
CA PRO C 136 13.10 -0.60 41.37
C PRO C 136 11.89 -0.37 42.24
N PRO C 137 11.05 -1.38 42.43
CA PRO C 137 9.80 -1.18 43.17
C PRO C 137 10.05 -1.05 44.67
N GLY C 138 8.97 -0.75 45.38
CA GLY C 138 9.00 -0.51 46.81
C GLY C 138 8.65 0.91 47.18
N ALA C 139 8.78 1.84 46.24
CA ALA C 139 8.48 3.24 46.45
C ALA C 139 7.68 3.74 45.24
N ASN C 140 6.88 4.78 45.47
CA ASN C 140 6.14 5.39 44.37
C ASN C 140 7.10 5.99 43.34
N ALA C 141 6.56 6.21 42.15
CA ALA C 141 7.37 6.75 41.07
C ALA C 141 7.88 8.15 41.44
N PRO C 142 9.09 8.51 41.04
CA PRO C 142 9.59 9.85 41.38
C PRO C 142 8.77 10.95 40.75
N LYS C 143 8.63 12.06 41.47
CA LYS C 143 7.94 13.25 41.00
C LYS C 143 8.90 14.36 40.64
N THR C 144 10.21 14.14 40.75
CA THR C 144 11.21 15.16 40.49
C THR C 144 12.50 14.47 40.05
N ARG C 145 13.36 15.24 39.40
CA ARG C 145 14.64 14.69 38.94
C ARG C 145 15.50 14.25 40.12
N LYS C 146 15.38 14.94 41.26
CA LYS C 146 16.15 14.59 42.45
C LYS C 146 15.84 13.16 42.90
N ASP C 147 14.55 12.81 42.94
CA ASP C 147 14.17 11.47 43.38
C ASP C 147 14.60 10.41 42.37
N ALA C 148 14.39 10.67 41.09
CA ALA C 148 14.71 9.67 40.07
C ALA C 148 16.21 9.42 39.99
N MET C 149 17.01 10.45 40.20
CA MET C 149 18.47 10.30 40.16
C MET C 149 18.98 9.32 41.20
N LEU C 150 18.23 9.13 42.30
CA LEU C 150 18.65 8.22 43.34
C LEU C 150 18.59 6.76 42.93
N GLY C 151 17.90 6.44 41.82
CA GLY C 151 17.82 5.08 41.33
C GLY C 151 18.83 4.80 40.24
N THR C 152 18.68 3.64 39.61
CA THR C 152 19.57 3.25 38.53
C THR C 152 19.32 4.15 37.34
N HIS C 153 20.32 4.93 36.94
CA HIS C 153 20.11 5.91 35.89
C HIS C 153 21.35 6.06 35.04
N VAL C 154 21.16 6.63 33.86
CA VAL C 154 22.25 7.02 32.97
C VAL C 154 21.93 8.41 32.42
N ILE C 155 22.95 9.26 32.33
CA ILE C 155 22.82 10.60 31.77
C ILE C 155 23.23 10.53 30.31
N TRP C 156 22.29 10.86 29.43
CA TRP C 156 22.46 10.72 27.99
C TRP C 156 22.88 12.07 27.41
N ASP C 157 24.02 12.07 26.71
CA ASP C 157 24.52 13.26 26.02
C ASP C 157 24.26 13.12 24.53
N VAL C 158 23.58 14.12 23.97
CA VAL C 158 23.23 14.08 22.55
C VAL C 158 24.39 14.59 21.73
N GLY C 159 24.77 13.85 20.71
CA GLY C 159 25.89 14.22 19.87
C GLY C 159 25.86 13.44 18.58
N LEU C 160 27.05 13.12 18.06
CA LEU C 160 27.13 12.37 16.81
C LEU C 160 26.52 10.98 16.96
N GLN C 161 26.67 10.37 18.12
CA GLN C 161 25.98 9.12 18.42
C GLN C 161 24.58 9.46 18.92
N SER C 162 23.58 9.15 18.11
CA SER C 162 22.22 9.63 18.33
C SER C 162 21.43 8.75 19.30
N SER C 163 22.00 7.64 19.76
CA SER C 163 21.27 6.70 20.57
C SER C 163 22.03 6.42 21.86
N CYS C 164 21.28 6.21 22.94
CA CYS C 164 21.82 5.74 24.20
C CYS C 164 20.95 4.60 24.70
N VAL C 165 21.56 3.70 25.47
CA VAL C 165 20.90 2.50 25.95
C VAL C 165 20.82 2.58 27.48
N LEU C 166 19.60 2.53 28.01
CA LEU C 166 19.37 2.33 29.43
C LEU C 166 19.02 0.86 29.63
N CYS C 167 19.95 0.10 30.20
CA CYS C 167 19.75 -1.32 30.45
C CYS C 167 19.09 -1.50 31.80
N ILE C 168 17.92 -2.14 31.82
CA ILE C 168 17.19 -2.40 33.05
C ILE C 168 17.70 -3.71 33.63
N PRO C 169 18.47 -3.69 34.72
CA PRO C 169 18.99 -4.93 35.27
C PRO C 169 17.89 -5.75 35.91
N TRP C 170 18.15 -7.05 36.01
CA TRP C 170 17.21 -7.96 36.68
C TRP C 170 17.44 -7.87 38.18
N ILE C 171 16.62 -7.07 38.86
CA ILE C 171 16.66 -6.94 40.31
C ILE C 171 15.31 -7.45 40.81
N SER C 172 15.26 -8.73 41.17
CA SER C 172 14.02 -9.35 41.61
C SER C 172 14.32 -10.32 42.75
N GLN C 173 13.42 -10.36 43.73
CA GLN C 173 13.51 -11.37 44.78
C GLN C 173 13.27 -12.78 44.24
N THR C 174 12.56 -12.92 43.13
CA THR C 174 12.30 -14.19 42.50
C THR C 174 13.14 -14.34 41.24
N HIS C 175 13.38 -15.59 40.84
CA HIS C 175 14.11 -15.84 39.60
C HIS C 175 13.28 -15.50 38.37
N TYR C 176 11.96 -15.53 38.48
CA TYR C 176 11.07 -15.25 37.36
C TYR C 176 9.98 -14.28 37.80
N ARG C 177 9.41 -13.59 36.82
CA ARG C 177 8.29 -12.69 37.03
C ARG C 177 7.14 -13.11 36.13
N LEU C 178 5.92 -12.82 36.58
CA LEU C 178 4.74 -13.11 35.79
C LEU C 178 4.59 -12.10 34.67
N VAL C 179 4.24 -12.57 33.48
CA VAL C 179 3.90 -11.65 32.40
C VAL C 179 2.66 -10.86 32.77
N HIS C 180 1.64 -11.55 33.31
CA HIS C 180 0.48 -10.89 33.93
C HIS C 180 0.90 -10.40 35.31
N GLN C 181 1.68 -9.31 35.31
CA GLN C 181 2.31 -8.85 36.53
C GLN C 181 1.27 -8.42 37.57
N ASP C 182 1.57 -8.75 38.83
CA ASP C 182 0.86 -8.25 40.00
C ASP C 182 1.85 -7.46 40.87
N GLU C 183 1.37 -6.98 42.01
CA GLU C 183 2.23 -6.18 42.87
C GLU C 183 3.38 -6.99 43.44
N TYR C 184 3.17 -8.30 43.61
CA TYR C 184 4.25 -9.16 44.08
C TYR C 184 5.39 -9.24 43.07
N THR C 185 5.06 -9.30 41.78
CA THR C 185 6.06 -9.39 40.72
C THR C 185 6.31 -8.05 40.03
N SER C 186 6.03 -6.94 40.70
CA SER C 186 6.30 -5.63 40.12
C SER C 186 7.80 -5.47 39.84
N ALA C 187 8.11 -4.81 38.72
CA ALA C 187 9.48 -4.69 38.26
C ALA C 187 10.02 -3.26 38.32
N GLY C 188 9.18 -2.28 38.62
CA GLY C 188 9.64 -0.92 38.80
C GLY C 188 9.15 0.02 37.72
N ASN C 189 9.89 1.11 37.49
CA ASN C 189 9.45 2.11 36.54
C ASN C 189 10.66 2.77 35.89
N VAL C 190 10.41 3.40 34.74
CA VAL C 190 11.43 4.14 34.01
C VAL C 190 10.89 5.54 33.76
N THR C 191 11.74 6.55 33.98
CA THR C 191 11.37 7.94 33.81
C THR C 191 12.51 8.69 33.16
N CYS C 192 12.18 9.79 32.51
CA CYS C 192 13.17 10.65 31.87
C CYS C 192 12.96 12.10 32.28
N TRP C 193 14.07 12.80 32.49
CA TRP C 193 14.04 14.18 32.93
C TRP C 193 15.08 14.97 32.13
N TYR C 194 14.81 16.26 31.93
CA TYR C 194 15.78 17.15 31.31
C TYR C 194 16.95 17.35 32.27
N GLN C 195 18.09 16.75 31.94
CA GLN C 195 19.28 16.96 32.76
C GLN C 195 19.75 18.41 32.68
N THR C 196 19.89 18.92 31.46
CA THR C 196 20.16 20.34 31.23
C THR C 196 19.04 21.02 30.46
N GLY C 197 18.66 20.48 29.31
CA GLY C 197 17.67 21.05 28.45
C GLY C 197 18.09 20.90 27.01
N ILE C 198 17.39 21.58 26.12
CA ILE C 198 17.70 21.56 24.69
C ILE C 198 18.04 22.98 24.26
N VAL C 199 19.18 23.14 23.59
CA VAL C 199 19.64 24.43 23.11
C VAL C 199 19.81 24.34 21.60
N VAL C 200 19.21 25.28 20.88
CA VAL C 200 19.25 25.27 19.42
C VAL C 200 19.65 26.66 18.94
N PRO C 201 20.26 26.79 17.76
CA PRO C 201 20.57 28.12 17.23
C PRO C 201 19.41 28.72 16.45
N ALA C 202 19.62 29.88 15.87
CA ALA C 202 18.59 30.54 15.09
C ALA C 202 18.30 29.73 13.83
N GLY C 203 17.03 29.73 13.42
CA GLY C 203 16.66 29.00 12.22
C GLY C 203 16.56 27.51 12.40
N THR C 204 16.43 27.04 13.64
CA THR C 204 16.35 25.63 13.96
C THR C 204 15.02 25.32 14.65
N PRO C 205 14.40 24.18 14.36
CA PRO C 205 13.13 23.86 15.03
C PRO C 205 13.31 23.77 16.54
N THR C 206 12.32 24.28 17.27
CA THR C 206 12.37 24.30 18.73
C THR C 206 11.79 23.05 19.36
N LEU C 207 10.96 22.30 18.64
CA LEU C 207 10.34 21.09 19.16
C LEU C 207 10.99 19.89 18.49
N CYS C 208 11.40 18.92 19.29
CA CYS C 208 12.05 17.70 18.81
C CYS C 208 11.32 16.50 19.37
N SER C 209 11.71 15.31 18.90
CA SER C 209 11.07 14.07 19.31
C SER C 209 12.12 13.03 19.63
N ILE C 210 11.74 12.08 20.48
CA ILE C 210 12.59 10.96 20.86
C ILE C 210 11.81 9.67 20.62
N MET C 211 12.49 8.64 20.17
CA MET C 211 11.91 7.32 20.01
C MET C 211 12.61 6.32 20.92
N CYS C 212 11.85 5.36 21.43
CA CYS C 212 12.36 4.35 22.34
C CYS C 212 12.19 2.98 21.71
N PHE C 213 13.26 2.19 21.72
CA PHE C 213 13.26 0.81 21.25
C PHE C 213 13.46 -0.12 22.43
N VAL C 214 12.83 -1.29 22.38
CA VAL C 214 12.90 -2.26 23.46
C VAL C 214 13.34 -3.60 22.91
N SER C 215 14.26 -4.24 23.62
CA SER C 215 14.75 -5.56 23.25
C SER C 215 15.12 -6.29 24.54
N ALA C 216 15.55 -7.54 24.38
CA ALA C 216 15.94 -8.37 25.50
C ALA C 216 17.44 -8.60 25.47
N CYS C 217 18.04 -8.68 26.65
CA CYS C 217 19.47 -8.96 26.74
C CYS C 217 19.73 -10.44 26.49
N ASN C 218 20.98 -10.84 26.63
CA ASN C 218 21.36 -12.23 26.37
C ASN C 218 21.02 -13.16 27.53
N ASP C 219 20.60 -12.62 28.67
CA ASP C 219 20.22 -13.41 29.83
C ASP C 219 18.71 -13.55 29.97
N PHE C 220 17.94 -13.13 28.97
CA PHE C 220 16.49 -13.17 29.03
C PHE C 220 15.97 -14.57 28.75
N SER C 221 14.89 -14.93 29.43
CA SER C 221 14.31 -16.27 29.29
C SER C 221 12.85 -16.22 29.69
N VAL C 222 12.05 -17.10 29.07
CA VAL C 222 10.63 -17.23 29.34
C VAL C 222 10.26 -18.72 29.41
N ARG C 223 9.11 -19.00 30.01
CA ARG C 223 8.65 -20.39 30.12
C ARG C 223 7.13 -20.40 30.32
N LEU C 224 6.58 -21.61 30.54
CA LEU C 224 5.14 -21.81 30.74
C LEU C 224 4.31 -21.34 29.54
N LEU C 225 4.53 -21.98 28.40
CA LEU C 225 3.79 -21.64 27.19
C LEU C 225 2.30 -21.56 27.48
N LYS C 226 1.64 -20.58 26.86
CA LYS C 226 0.22 -20.34 27.05
C LYS C 226 -0.33 -19.66 25.81
N ASP C 227 -1.65 -19.60 25.73
CA ASP C 227 -2.30 -18.91 24.63
C ASP C 227 -2.29 -17.41 24.88
N THR C 228 -2.30 -16.65 23.79
CA THR C 228 -2.20 -15.20 23.94
C THR C 228 -3.59 -14.57 23.92
N PRO C 229 -3.82 -13.55 24.73
CA PRO C 229 -5.14 -12.90 24.76
C PRO C 229 -5.31 -11.76 23.76
N PHE C 230 -4.42 -11.62 22.80
CA PHE C 230 -4.50 -10.55 21.81
C PHE C 230 -5.21 -10.98 20.53
N ILE C 231 -5.64 -12.23 20.43
CA ILE C 231 -6.31 -12.75 19.26
C ILE C 231 -7.54 -13.52 19.72
N GLU C 232 -8.67 -13.27 19.06
CA GLU C 232 -9.93 -13.87 19.45
C GLU C 232 -10.82 -13.97 18.23
N GLN C 233 -11.80 -14.87 18.30
CA GLN C 233 -12.80 -14.98 17.25
C GLN C 233 -14.12 -15.41 17.88
N SER C 234 -15.19 -15.27 17.10
CA SER C 234 -16.50 -15.67 17.59
C SER C 234 -17.00 -16.84 16.78
N ALA C 235 -16.38 -17.10 15.64
CA ALA C 235 -16.82 -18.18 14.77
C ALA C 235 -15.74 -18.57 13.78
N LEU C 236 -15.73 -19.83 13.37
CA LEU C 236 -14.74 -20.30 12.42
C LEU C 236 -14.60 -19.31 11.29
N LEU C 237 -13.36 -18.94 10.98
CA LEU C 237 -13.13 -17.99 9.91
C LEU C 237 -13.47 -18.63 8.57
N ASN D 96 -6.18 -26.52 5.73
CA ASN D 96 -5.45 -25.27 5.92
C ASN D 96 -5.57 -24.89 7.38
N ALA D 97 -4.52 -24.28 7.91
CA ALA D 97 -4.46 -23.90 9.32
C ALA D 97 -4.85 -22.46 9.54
N ARG D 98 -5.84 -21.98 8.80
CA ARG D 98 -6.14 -20.57 8.74
C ARG D 98 -7.52 -20.20 9.26
N ARG D 99 -8.29 -21.15 9.77
CA ARG D 99 -9.65 -20.89 10.20
C ARG D 99 -9.82 -20.80 11.70
N MET D 100 -8.97 -21.47 12.47
CA MET D 100 -8.86 -21.24 13.90
C MET D 100 -7.72 -20.27 14.14
N VAL D 101 -7.98 -19.26 14.95
CA VAL D 101 -7.20 -18.05 14.90
C VAL D 101 -5.87 -18.18 15.65
N GLN D 102 -5.83 -18.99 16.71
CA GLN D 102 -4.66 -19.05 17.57
C GLN D 102 -3.49 -19.73 16.87
N MET D 103 -3.73 -20.91 16.32
CA MET D 103 -2.67 -21.61 15.61
C MET D 103 -2.25 -20.86 14.36
N ARG D 104 -3.20 -20.20 13.70
CA ARG D 104 -2.85 -19.39 12.54
C ARG D 104 -1.90 -18.27 12.93
N ARG D 105 -2.22 -17.56 14.01
CA ARG D 105 -1.35 -16.48 14.46
C ARG D 105 0.01 -17.00 14.89
N LYS D 106 0.04 -18.18 15.50
CA LYS D 106 1.33 -18.76 15.88
C LYS D 106 2.18 -19.08 14.67
N LEU D 107 1.57 -19.66 13.63
CA LEU D 107 2.33 -20.06 12.46
C LEU D 107 2.77 -18.86 11.65
N GLU D 108 1.94 -17.83 11.57
CA GLU D 108 2.26 -16.65 10.77
C GLU D 108 3.27 -15.73 11.44
N MET D 109 3.90 -16.17 12.52
CA MET D 109 5.05 -15.48 13.07
C MET D 109 6.31 -15.75 12.28
N PHE D 110 6.23 -16.59 11.26
CA PHE D 110 7.35 -16.91 10.39
C PHE D 110 6.85 -16.87 8.96
N THR D 111 7.76 -16.56 8.05
CA THR D 111 7.35 -16.52 6.65
C THR D 111 7.34 -17.92 6.05
N TYR D 112 8.33 -18.74 6.37
CA TYR D 112 8.37 -20.09 5.84
C TYR D 112 8.55 -21.09 6.97
N VAL D 113 7.84 -22.20 6.88
CA VAL D 113 7.93 -23.26 7.88
C VAL D 113 7.97 -24.59 7.14
N ALA D 247 11.95 -22.99 10.72
CA ALA D 247 11.26 -21.74 10.43
C ALA D 247 12.25 -20.72 9.90
N TRP D 248 11.78 -19.89 8.98
CA TRP D 248 12.59 -18.87 8.33
C TRP D 248 11.82 -17.57 8.24
N VAL D 249 12.57 -16.48 8.38
CA VAL D 249 12.13 -15.10 8.17
C VAL D 249 11.00 -14.75 9.12
N PRO D 250 11.29 -14.53 10.39
CA PRO D 250 10.24 -14.16 11.34
C PRO D 250 9.60 -12.83 10.99
N ARG D 251 8.33 -12.71 11.35
CA ARG D 251 7.50 -11.57 11.03
C ARG D 251 6.95 -10.95 12.30
N PRO D 252 6.56 -9.68 12.26
CA PRO D 252 5.92 -9.08 13.42
C PRO D 252 4.58 -9.73 13.68
N PRO D 253 4.30 -10.10 14.92
CA PRO D 253 3.05 -10.78 15.22
C PRO D 253 1.83 -10.00 14.76
N ARG D 254 0.88 -10.73 14.19
CA ARG D 254 -0.37 -10.15 13.74
C ARG D 254 -1.01 -9.30 14.84
N LEU D 255 -1.17 -8.02 14.56
CA LEU D 255 -1.80 -7.12 15.53
C LEU D 255 -3.30 -7.04 15.33
N CYS D 256 -3.75 -7.05 14.10
CA CYS D 256 -5.16 -6.87 13.80
C CYS D 256 -5.89 -8.22 13.89
N GLN D 257 -7.20 -8.13 13.96
CA GLN D 257 -8.01 -9.34 14.02
C GLN D 257 -8.19 -9.93 12.64
N TYR D 258 -8.06 -11.25 12.54
CA TYR D 258 -8.28 -11.92 11.27
C TYR D 258 -9.74 -11.81 10.87
N LYS D 259 -9.97 -11.68 9.57
CA LYS D 259 -11.30 -11.49 9.03
C LYS D 259 -11.84 -12.71 8.31
N ASN D 260 -10.99 -13.34 7.50
CA ASN D 260 -11.36 -14.55 6.78
C ASN D 260 -10.09 -15.37 6.62
N ALA D 261 -10.23 -16.52 5.96
CA ALA D 261 -9.10 -17.42 5.77
C ALA D 261 -8.47 -17.28 4.40
N SER D 262 -9.17 -16.70 3.45
CA SER D 262 -8.67 -16.55 2.10
C SER D 262 -7.60 -15.48 1.96
N THR D 263 -7.57 -14.51 2.87
CA THR D 263 -6.81 -13.28 2.67
C THR D 263 -6.08 -12.93 3.96
N VAL D 264 -5.46 -11.76 3.98
CA VAL D 264 -4.94 -11.15 5.20
C VAL D 264 -5.72 -9.89 5.53
N ASN D 265 -6.92 -9.73 4.98
CA ASN D 265 -7.70 -8.53 5.17
C ASN D 265 -7.93 -8.26 6.65
N PHE D 266 -7.94 -6.97 7.00
CA PHE D 266 -8.06 -6.55 8.38
C PHE D 266 -8.70 -5.18 8.45
N SER D 267 -9.35 -4.91 9.57
CA SER D 267 -9.75 -3.57 9.93
C SER D 267 -8.58 -2.87 10.62
N SER D 268 -8.49 -1.56 10.42
CA SER D 268 -7.37 -0.80 10.95
C SER D 268 -7.41 -0.80 12.48
N THR D 269 -6.27 -1.15 13.09
CA THR D 269 -6.16 -1.42 14.51
C THR D 269 -5.24 -0.40 15.16
N ASN D 270 -5.64 0.09 16.35
CA ASN D 270 -4.77 0.93 17.15
C ASN D 270 -3.44 0.21 17.43
N ILE D 271 -2.38 1.00 17.58
CA ILE D 271 -1.07 0.43 17.85
C ILE D 271 -1.04 -0.23 19.22
N THR D 272 -1.67 0.38 20.21
CA THR D 272 -1.77 -0.17 21.55
C THR D 272 -2.93 0.51 22.26
N ASP D 273 -3.00 0.35 23.58
CA ASP D 273 -4.06 0.91 24.40
C ASP D 273 -3.63 2.20 25.06
N LYS D 274 -4.59 3.07 25.31
CA LYS D 274 -4.31 4.40 25.80
C LYS D 274 -4.07 4.39 27.31
N ARG D 275 -3.28 5.37 27.75
CA ARG D 275 -3.18 5.66 29.18
C ARG D 275 -3.47 7.13 29.42
N ASP D 276 -3.29 7.60 30.65
CA ASP D 276 -3.77 8.93 31.02
C ASP D 276 -2.86 10.02 30.47
N SER D 277 -1.55 9.85 30.58
CA SER D 277 -0.59 10.80 30.04
C SER D 277 0.70 10.08 29.73
N ILE D 278 1.68 10.83 29.21
CA ILE D 278 2.96 10.24 28.84
C ILE D 278 3.82 9.91 30.04
N THR D 279 3.55 10.52 31.19
CA THR D 279 4.32 10.30 32.41
C THR D 279 3.56 9.46 33.43
N HIS D 280 2.44 8.87 33.02
CA HIS D 280 1.48 8.28 33.95
C HIS D 280 2.02 6.96 34.49
N VAL D 281 2.41 6.96 35.75
CA VAL D 281 2.72 5.73 36.48
C VAL D 281 1.93 5.75 37.77
N PRO D 282 0.91 4.90 37.91
CA PRO D 282 0.01 5.01 39.08
C PRO D 282 0.71 4.59 40.36
N ASP D 283 0.39 5.31 41.44
CA ASP D 283 0.95 5.00 42.74
C ASP D 283 0.47 3.64 43.22
N THR D 284 1.40 2.81 43.66
CA THR D 284 1.08 1.54 44.29
C THR D 284 1.41 1.49 45.77
N VAL D 285 2.26 2.40 46.25
CA VAL D 285 2.51 2.53 47.68
C VAL D 285 1.64 3.68 48.18
N LYS D 286 0.50 3.34 48.79
CA LYS D 286 -0.34 4.32 49.44
C LYS D 286 -1.16 3.60 50.51
N PRO D 287 -1.56 4.30 51.57
CA PRO D 287 -2.40 3.69 52.61
C PRO D 287 -3.81 3.38 52.11
C1 SPH E . 1.57 -24.33 6.75
O1 SPH E . 1.45 -22.97 7.11
C2 SPH E . 0.30 -24.79 6.03
N2 SPH E . 0.60 -25.20 4.67
C3 SPH E . -0.37 -25.91 6.81
O3 SPH E . -1.58 -26.32 6.21
C4 SPH E . 0.54 -27.09 6.98
C5 SPH E . -0.01 -28.25 7.69
C6 SPH E . 0.16 -29.64 7.15
C7 SPH E . -0.82 -29.83 6.02
C8 SPH E . -0.52 -31.13 5.28
C9 SPH E . -1.27 -32.28 5.91
C10 SPH E . -2.25 -32.88 4.92
C11 SPH E . -2.98 -34.07 5.54
C12 SPH E . -3.44 -33.73 6.95
C13 SPH E . -4.60 -34.61 7.39
C14 SPH E . -4.48 -36.03 6.84
C15 SPH E . -5.44 -36.95 7.57
C16 SPH E . -5.24 -38.41 7.19
C17 SPH E . -6.54 -39.17 7.41
C18 SPH E . -6.34 -40.66 7.16
#